data_2PZY
#
_entry.id   2PZY
#
_cell.length_a   159.610
_cell.length_b   159.610
_cell.length_c   134.500
_cell.angle_alpha   90.000
_cell.angle_beta   90.000
_cell.angle_gamma   120.000
#
_symmetry.space_group_name_H-M   'P 63'
#
loop_
_entity.id
_entity.type
_entity.pdbx_description
1 polymer 'MAP kinase-activated protein kinase 2'
2 non-polymer (4R)-N-[4-({[2-(DIMETHYLAMINO)ETHYL]AMINO}CARBONYL)-1,3-THIAZOL-2-YL]-4-METHYL-1-OXO-2,3,4,9-TETRAHYDRO-1H-BETA-CARBOLINE-6-CARBOXAMIDE
3 non-polymer STAUROSPORINE
#
_entity_poly.entity_id   1
_entity_poly.type   'polypeptide(L)'
_entity_poly.pdbx_seq_one_letter_code
;QQFPQFHVKSGLQIKKNAIIDDYKVTSQVLGLGINGKVLQIFNKRTQEKFALKMLQDCPKARREVELHWRASQCPHIVRI
VDVYENLYAGRKCLLIVMECLDGGELFSRIQDRGDQAFTEREASEIMKSIGEAIQYLHSINIAHRDVKPENLLYTSKRPN
AILKLTDFGFAKETTSHNSLTTPCYTPYYVAPEVLGPEKYDKSCDMWSLGVIMYILLCGYPPFYSNHGLAISPGMKTRIR
MGQYEFPNPEWSEVSEEVKMLIRNLLKTEPTQRMTITEFMNHPWIMQSTKVPQTPLHTSRVLKEDKERWEDVKEEMTSAL
ATMR
;
_entity_poly.pdbx_strand_id   A,B,C,D
#
# COMPACT_ATOMS: atom_id res chain seq x y z
N GLN A 2 25.94 5.74 9.24
CA GLN A 2 24.89 6.04 10.25
C GLN A 2 23.51 5.68 9.69
N PHE A 3 23.47 5.10 8.50
CA PHE A 3 22.22 4.64 7.93
C PHE A 3 22.25 3.16 7.55
N PRO A 4 21.16 2.44 7.82
CA PRO A 4 21.03 1.02 7.49
C PRO A 4 21.08 0.75 5.97
N GLN A 5 22.27 0.82 5.41
CA GLN A 5 22.49 0.52 3.99
C GLN A 5 22.13 -0.92 3.65
N PHE A 6 22.54 -1.85 4.52
CA PHE A 6 22.34 -3.27 4.26
C PHE A 6 20.87 -3.67 4.38
N HIS A 7 20.06 -2.78 4.94
CA HIS A 7 18.63 -3.05 5.12
C HIS A 7 17.78 -2.81 3.88
N VAL A 8 18.37 -2.15 2.88
CA VAL A 8 17.75 -2.05 1.56
C VAL A 8 18.01 -3.34 0.79
N LYS A 9 16.97 -4.15 0.66
CA LYS A 9 16.98 -5.29 -0.26
C LYS A 9 16.17 -4.93 -1.51
N SER A 10 16.50 -5.60 -2.61
CA SER A 10 15.85 -5.34 -3.87
C SER A 10 14.49 -6.02 -4.00
N GLY A 11 13.54 -5.31 -4.59
CA GLY A 11 12.20 -5.84 -4.80
C GLY A 11 12.13 -6.54 -6.13
N LEU A 12 11.11 -7.36 -6.32
CA LEU A 12 11.13 -8.36 -7.38
C LEU A 12 10.94 -7.78 -8.78
N GLN A 13 11.83 -8.20 -9.69
CA GLN A 13 11.72 -7.92 -11.11
C GLN A 13 11.35 -9.22 -11.85
N ILE A 14 10.14 -9.27 -12.40
CA ILE A 14 9.59 -10.48 -13.01
C ILE A 14 9.88 -10.58 -14.49
N LYS A 15 10.59 -11.65 -14.86
CA LYS A 15 11.02 -11.84 -16.23
C LYS A 15 9.84 -12.30 -17.04
N LYS A 16 9.68 -11.74 -18.23
CA LYS A 16 8.50 -12.04 -19.02
C LYS A 16 8.75 -12.85 -20.28
N ASN A 17 10.01 -13.18 -20.54
CA ASN A 17 10.30 -14.06 -21.67
C ASN A 17 9.99 -15.49 -21.27
N ALA A 18 9.85 -16.38 -22.24
CA ALA A 18 9.58 -17.79 -21.95
C ALA A 18 10.68 -18.36 -21.07
N ILE A 19 10.29 -19.05 -20.01
CA ILE A 19 11.28 -19.61 -19.10
C ILE A 19 12.09 -20.70 -19.79
N ILE A 20 11.58 -21.19 -20.92
CA ILE A 20 12.26 -22.23 -21.69
C ILE A 20 13.33 -21.67 -22.60
N ASP A 21 13.67 -20.41 -22.39
CA ASP A 21 14.89 -19.88 -22.95
C ASP A 21 15.98 -20.17 -21.95
N ASP A 22 15.68 -20.04 -20.68
CA ASP A 22 16.70 -20.02 -19.66
C ASP A 22 16.87 -21.36 -18.98
N TYR A 23 15.84 -22.20 -19.06
CA TYR A 23 15.86 -23.51 -18.39
C TYR A 23 15.30 -24.60 -19.30
N LYS A 24 15.88 -25.79 -19.20
CA LYS A 24 15.24 -27.01 -19.66
C LYS A 24 14.25 -27.42 -18.58
N VAL A 25 13.03 -27.75 -18.98
CA VAL A 25 12.01 -28.10 -18.00
C VAL A 25 11.52 -29.55 -18.08
N THR A 26 12.08 -30.40 -17.21
CA THR A 26 11.73 -31.82 -17.24
C THR A 26 10.31 -32.05 -16.75
N SER A 27 9.74 -33.18 -17.13
CA SER A 27 8.38 -33.54 -16.77
C SER A 27 8.34 -34.21 -15.41
N GLN A 28 9.51 -34.28 -14.76
CA GLN A 28 9.65 -35.04 -13.54
C GLN A 28 9.42 -34.21 -12.26
N VAL A 29 8.55 -34.71 -11.39
CA VAL A 29 8.14 -34.00 -10.18
C VAL A 29 9.05 -34.20 -8.99
N LEU A 30 9.45 -33.11 -8.35
CA LEU A 30 10.26 -33.19 -7.14
C LEU A 30 9.38 -33.24 -5.88
N GLY A 31 8.19 -32.65 -5.98
CA GLY A 31 7.31 -32.54 -4.83
C GLY A 31 5.96 -31.99 -5.22
N LEU A 32 5.09 -31.80 -4.23
CA LEU A 32 3.79 -31.21 -4.46
C LEU A 32 3.57 -30.18 -3.36
N GLY A 33 2.97 -29.05 -3.71
CA GLY A 33 2.68 -28.02 -2.73
C GLY A 33 1.37 -27.37 -3.07
N ILE A 34 0.86 -26.50 -2.21
CA ILE A 34 -0.41 -25.85 -2.52
C ILE A 34 -0.30 -25.06 -3.82
N ASN A 35 -1.27 -25.23 -4.70
CA ASN A 35 -1.41 -24.39 -5.90
C ASN A 35 -0.46 -24.79 -7.02
N GLY A 36 0.53 -25.61 -6.68
CA GLY A 36 1.58 -25.88 -7.64
C GLY A 36 2.26 -27.21 -7.44
N LYS A 37 2.59 -27.85 -8.55
CA LYS A 37 3.47 -28.99 -8.54
C LYS A 37 4.86 -28.42 -8.74
N VAL A 38 5.86 -29.04 -8.15
CA VAL A 38 7.24 -28.60 -8.33
C VAL A 38 7.97 -29.55 -9.27
N LEU A 39 8.23 -29.09 -10.50
CA LEU A 39 9.00 -29.89 -11.44
C LEU A 39 10.48 -29.63 -11.23
N GLN A 40 11.33 -30.52 -11.73
CA GLN A 40 12.73 -30.18 -11.74
C GLN A 40 13.18 -29.68 -13.08
N ILE A 41 13.88 -28.54 -13.05
CA ILE A 41 14.37 -27.93 -14.25
C ILE A 41 15.89 -27.82 -14.20
N PHE A 42 16.49 -27.38 -15.31
CA PHE A 42 17.94 -27.17 -15.41
C PHE A 42 18.24 -25.84 -16.04
N ASN A 43 19.19 -25.10 -15.48
CA ASN A 43 19.67 -23.90 -16.14
C ASN A 43 20.33 -24.35 -17.43
N LYS A 44 20.02 -23.69 -18.54
CA LYS A 44 20.55 -24.12 -19.83
C LYS A 44 21.99 -23.68 -20.04
N ARG A 45 22.41 -22.68 -19.27
CA ARG A 45 23.76 -22.15 -19.39
C ARG A 45 24.73 -22.80 -18.42
N THR A 46 24.36 -22.86 -17.15
CA THR A 46 25.27 -23.42 -16.16
C THR A 46 24.99 -24.90 -15.95
N GLN A 47 23.93 -25.39 -16.60
CA GLN A 47 23.53 -26.78 -16.48
C GLN A 47 23.16 -27.17 -15.05
N GLU A 48 23.05 -26.17 -14.18
CA GLU A 48 22.75 -26.44 -12.78
C GLU A 48 21.28 -26.71 -12.57
N LYS A 49 20.95 -27.35 -11.45
CA LYS A 49 19.65 -27.98 -11.26
C LYS A 49 18.75 -27.19 -10.28
N PHE A 50 17.47 -27.02 -10.64
CA PHE A 50 16.59 -26.11 -9.90
C PHE A 50 15.17 -26.63 -9.72
N ALA A 51 14.41 -25.98 -8.85
CA ALA A 51 13.04 -26.35 -8.62
C ALA A 51 12.09 -25.31 -9.20
N LEU A 52 11.08 -25.79 -9.90
CA LEU A 52 10.10 -24.95 -10.55
C LEU A 52 8.72 -25.25 -10.00
N LYS A 53 8.05 -24.22 -9.48
CA LYS A 53 6.64 -24.33 -9.07
C LYS A 53 5.79 -23.63 -10.11
N MET A 54 4.67 -24.24 -10.47
CA MET A 54 3.80 -23.64 -11.49
C MET A 54 2.45 -23.14 -10.98
N LEU A 55 2.38 -21.86 -10.64
CA LEU A 55 1.10 -21.25 -10.28
C LEU A 55 0.46 -20.62 -11.53
N GLN A 56 -0.85 -20.39 -11.45
CA GLN A 56 -1.68 -19.81 -12.53
C GLN A 56 -2.23 -18.46 -12.04
N ASP A 57 -2.02 -17.42 -12.83
CA ASP A 57 -2.12 -16.05 -12.34
C ASP A 57 -3.50 -15.71 -11.75
N CYS A 58 -3.48 -14.92 -10.68
CA CYS A 58 -4.68 -14.57 -9.92
C CYS A 58 -4.16 -14.12 -8.56
N PRO A 59 -4.97 -13.35 -7.82
CA PRO A 59 -4.50 -12.77 -6.56
C PRO A 59 -3.93 -13.76 -5.52
N LYS A 60 -4.31 -15.02 -5.57
CA LYS A 60 -3.65 -16.03 -4.76
C LYS A 60 -2.21 -16.19 -5.22
N ALA A 61 -2.03 -16.59 -6.47
CA ALA A 61 -0.70 -16.75 -7.05
C ALA A 61 0.16 -15.52 -6.81
N ARG A 62 -0.33 -14.37 -7.25
CA ARG A 62 0.37 -13.12 -7.07
C ARG A 62 0.81 -12.91 -5.64
N ARG A 63 0.01 -13.39 -4.69
CA ARG A 63 0.25 -13.12 -3.28
C ARG A 63 1.36 -14.00 -2.77
N GLU A 64 1.39 -15.24 -3.21
CA GLU A 64 2.45 -16.15 -2.82
C GLU A 64 3.83 -15.66 -3.28
N VAL A 65 3.96 -15.34 -4.57
CA VAL A 65 5.19 -14.78 -5.11
C VAL A 65 5.67 -13.59 -4.31
N GLU A 66 4.75 -12.68 -4.00
CA GLU A 66 5.12 -11.45 -3.34
C GLU A 66 5.58 -11.73 -1.90
N LEU A 67 4.68 -12.24 -1.07
CA LEU A 67 5.02 -12.55 0.30
C LEU A 67 6.32 -13.34 0.37
N HIS A 68 6.46 -14.33 -0.52
CA HIS A 68 7.57 -15.30 -0.44
C HIS A 68 8.84 -14.61 -0.85
N TRP A 69 8.74 -13.73 -1.83
CA TRP A 69 9.90 -12.99 -2.29
C TRP A 69 10.54 -12.27 -1.10
N ARG A 70 9.70 -11.68 -0.26
CA ARG A 70 10.13 -11.01 0.97
C ARG A 70 10.79 -11.95 1.96
N ALA A 71 10.26 -13.15 2.09
CA ALA A 71 10.81 -14.08 3.06
C ALA A 71 12.04 -14.77 2.47
N SER A 72 12.30 -14.54 1.19
CA SER A 72 13.38 -15.22 0.49
C SER A 72 14.72 -14.80 1.05
N GLN A 73 14.76 -13.62 1.65
CA GLN A 73 15.98 -13.14 2.23
C GLN A 73 16.46 -14.05 3.37
N CYS A 74 15.54 -14.48 4.23
CA CYS A 74 15.92 -15.37 5.34
C CYS A 74 16.64 -16.61 4.81
N PRO A 75 17.82 -16.89 5.42
CA PRO A 75 18.70 -18.05 5.22
C PRO A 75 18.00 -19.38 5.40
N HIS A 76 16.92 -19.39 6.19
CA HIS A 76 16.23 -20.62 6.51
C HIS A 76 14.97 -20.83 5.71
N ILE A 77 14.69 -19.91 4.81
CA ILE A 77 13.59 -20.05 3.87
C ILE A 77 14.12 -20.23 2.45
N VAL A 78 13.58 -21.21 1.73
CA VAL A 78 14.13 -21.60 0.43
C VAL A 78 14.22 -20.41 -0.50
N ARG A 79 15.41 -20.22 -1.08
CA ARG A 79 15.78 -19.05 -1.87
C ARG A 79 15.10 -19.06 -3.24
N ILE A 80 14.46 -17.95 -3.60
CA ILE A 80 13.88 -17.81 -4.94
C ILE A 80 14.97 -17.35 -5.88
N VAL A 81 15.09 -18.00 -7.03
CA VAL A 81 16.04 -17.58 -8.03
C VAL A 81 15.41 -16.58 -8.99
N ASP A 82 14.34 -16.96 -9.67
CA ASP A 82 13.63 -15.98 -10.47
C ASP A 82 12.15 -16.25 -10.52
N VAL A 83 11.38 -15.24 -10.87
CA VAL A 83 9.96 -15.45 -11.09
C VAL A 83 9.62 -15.01 -12.49
N TYR A 84 9.04 -15.91 -13.27
CA TYR A 84 8.66 -15.66 -14.65
C TYR A 84 7.16 -15.47 -14.78
N GLU A 85 6.73 -14.47 -15.54
CA GLU A 85 5.32 -14.38 -15.89
C GLU A 85 5.17 -14.76 -17.34
N ASN A 86 4.63 -15.95 -17.59
CA ASN A 86 4.55 -16.45 -18.96
C ASN A 86 3.11 -16.74 -19.34
N LEU A 87 2.94 -17.18 -20.59
CA LEU A 87 1.65 -17.57 -21.13
C LEU A 87 1.66 -19.09 -21.30
N TYR A 88 1.04 -19.81 -20.36
CA TYR A 88 1.03 -21.26 -20.48
C TYR A 88 -0.22 -21.77 -21.19
N ALA A 89 -0.03 -22.18 -22.44
CA ALA A 89 -1.13 -22.46 -23.34
C ALA A 89 -2.16 -21.32 -23.19
N GLY A 90 -1.73 -20.10 -23.54
CA GLY A 90 -2.65 -19.00 -23.66
C GLY A 90 -3.18 -18.40 -22.35
N ARG A 91 -3.35 -19.23 -21.32
CA ARG A 91 -3.69 -18.78 -19.97
C ARG A 91 -2.41 -18.38 -19.21
N LYS A 92 -2.48 -17.28 -18.46
CA LYS A 92 -1.30 -16.58 -17.96
C LYS A 92 -0.94 -17.03 -16.54
N CYS A 93 0.32 -17.34 -16.31
CA CYS A 93 0.69 -17.86 -15.00
C CYS A 93 2.09 -17.48 -14.54
N LEU A 94 2.28 -17.45 -13.22
CA LEU A 94 3.57 -17.15 -12.62
C LEU A 94 4.41 -18.41 -12.39
N LEU A 95 5.72 -18.31 -12.60
CA LEU A 95 6.61 -19.44 -12.42
C LEU A 95 7.73 -19.13 -11.42
N ILE A 96 7.75 -19.81 -10.29
CA ILE A 96 8.78 -19.57 -9.29
C ILE A 96 9.93 -20.56 -9.51
N VAL A 97 11.13 -20.03 -9.76
CA VAL A 97 12.31 -20.88 -9.82
C VAL A 97 13.03 -20.79 -8.47
N MET A 98 13.23 -21.94 -7.83
CA MET A 98 13.86 -21.97 -6.50
C MET A 98 15.11 -22.83 -6.49
N GLU A 99 15.92 -22.65 -5.45
CA GLU A 99 17.08 -23.49 -5.22
C GLU A 99 16.66 -24.93 -5.01
N CYS A 100 17.60 -25.87 -5.02
CA CYS A 100 17.24 -27.26 -4.80
C CYS A 100 17.57 -27.68 -3.38
N LEU A 101 16.76 -28.59 -2.84
CA LEU A 101 16.92 -29.08 -1.48
C LEU A 101 16.96 -30.61 -1.49
N ASP A 102 18.15 -31.19 -1.35
CA ASP A 102 18.35 -32.63 -1.55
C ASP A 102 18.37 -33.47 -0.29
N GLY A 103 18.45 -32.81 0.87
CA GLY A 103 18.47 -33.54 2.12
C GLY A 103 17.18 -34.27 2.47
N GLY A 104 16.12 -34.07 1.69
CA GLY A 104 14.84 -34.70 2.02
C GLY A 104 14.06 -33.96 3.10
N GLU A 105 12.86 -34.46 3.42
CA GLU A 105 12.05 -33.89 4.50
C GLU A 105 12.76 -33.92 5.86
N LEU A 106 12.29 -33.11 6.80
CA LEU A 106 12.93 -33.07 8.09
C LEU A 106 13.02 -34.48 8.64
N PHE A 107 11.90 -35.19 8.63
CA PHE A 107 11.80 -36.46 9.32
C PHE A 107 12.48 -37.61 8.59
N SER A 108 12.41 -37.58 7.26
CA SER A 108 13.07 -38.61 6.47
C SER A 108 14.57 -38.56 6.73
N ARG A 109 15.15 -37.37 6.70
CA ARG A 109 16.55 -37.22 7.02
C ARG A 109 16.83 -37.35 8.53
N ILE A 110 15.93 -38.02 9.23
CA ILE A 110 16.10 -38.31 10.66
C ILE A 110 15.85 -39.79 10.90
N GLN A 111 15.28 -40.44 9.90
CA GLN A 111 14.71 -41.76 10.05
C GLN A 111 15.70 -42.84 9.61
N ASP A 112 16.96 -42.66 10.02
CA ASP A 112 18.03 -43.58 9.64
C ASP A 112 19.36 -43.20 10.31
N ARG A 113 19.85 -44.07 11.19
CA ARG A 113 21.09 -43.79 11.92
C ARG A 113 21.75 -45.07 12.43
N ALA A 117 22.29 -42.11 17.18
CA ALA A 117 20.99 -41.66 16.69
C ALA A 117 20.59 -40.32 17.32
N PHE A 118 19.39 -39.84 16.97
CA PHE A 118 18.95 -38.48 17.28
C PHE A 118 18.75 -38.21 18.79
N THR A 119 19.35 -37.14 19.31
CA THR A 119 19.22 -36.80 20.73
C THR A 119 18.56 -35.45 20.99
N GLU A 120 18.07 -35.25 22.21
CA GLU A 120 17.40 -34.00 22.57
C GLU A 120 18.21 -32.81 22.09
N ARG A 121 19.43 -32.63 22.61
CA ARG A 121 20.22 -31.46 22.25
C ARG A 121 20.24 -31.23 20.75
N GLU A 122 20.12 -32.29 19.97
CA GLU A 122 20.13 -32.19 18.51
C GLU A 122 18.78 -31.72 17.97
N ALA A 123 17.71 -31.99 18.70
CA ALA A 123 16.38 -31.59 18.28
C ALA A 123 16.19 -30.15 18.67
N SER A 124 16.89 -29.75 19.71
CA SER A 124 16.80 -28.38 20.18
C SER A 124 17.46 -27.47 19.18
N GLU A 125 18.63 -27.88 18.72
CA GLU A 125 19.34 -27.13 17.70
C GLU A 125 18.53 -27.06 16.39
N ILE A 126 17.81 -28.13 16.07
CA ILE A 126 16.91 -28.18 14.90
C ILE A 126 15.67 -27.31 15.07
N MET A 127 15.10 -27.32 16.27
CA MET A 127 13.93 -26.52 16.55
C MET A 127 14.29 -25.04 16.54
N LYS A 128 15.56 -24.73 16.79
CA LYS A 128 15.96 -23.34 16.79
C LYS A 128 15.96 -22.82 15.38
N SER A 129 16.43 -23.63 14.45
CA SER A 129 16.57 -23.17 13.09
C SER A 129 15.20 -22.89 12.45
N ILE A 130 14.23 -23.77 12.70
CA ILE A 130 12.86 -23.55 12.22
C ILE A 130 12.30 -22.27 12.85
N GLY A 131 12.76 -22.00 14.07
CA GLY A 131 12.23 -20.89 14.83
C GLY A 131 12.71 -19.59 14.23
N GLU A 132 13.90 -19.63 13.64
CA GLU A 132 14.49 -18.45 13.01
C GLU A 132 13.75 -18.09 11.74
N ALA A 133 13.38 -19.12 10.98
CA ALA A 133 12.50 -18.92 9.86
C ALA A 133 11.24 -18.26 10.37
N ILE A 134 10.65 -18.82 11.43
CA ILE A 134 9.35 -18.34 11.83
C ILE A 134 9.46 -16.98 12.47
N GLN A 135 10.59 -16.71 13.10
CA GLN A 135 10.76 -15.43 13.77
C GLN A 135 11.08 -14.32 12.79
N TYR A 136 11.75 -14.65 11.69
CA TYR A 136 11.92 -13.67 10.64
C TYR A 136 10.59 -13.28 10.01
N LEU A 137 9.76 -14.28 9.70
CA LEU A 137 8.47 -14.04 9.07
C LEU A 137 7.58 -13.12 9.88
N HIS A 138 7.35 -13.46 11.15
CA HIS A 138 6.48 -12.64 11.99
C HIS A 138 7.03 -11.24 12.24
N SER A 139 8.34 -11.06 12.09
CA SER A 139 8.91 -9.75 12.28
C SER A 139 8.68 -8.86 11.06
N ILE A 140 8.39 -9.48 9.92
CA ILE A 140 7.88 -8.73 8.76
C ILE A 140 6.38 -8.92 8.49
N ASN A 141 5.65 -9.37 9.50
CA ASN A 141 4.18 -9.43 9.49
C ASN A 141 3.59 -10.41 8.51
N ILE A 142 4.32 -11.50 8.30
CA ILE A 142 3.83 -12.61 7.51
C ILE A 142 3.63 -13.85 8.40
N ALA A 143 2.49 -14.50 8.24
CA ALA A 143 2.27 -15.75 8.93
C ALA A 143 2.24 -16.85 7.87
N HIS A 144 2.97 -17.94 8.11
CA HIS A 144 3.09 -18.97 7.11
C HIS A 144 1.84 -19.84 7.03
N ARG A 145 1.35 -20.27 8.19
CA ARG A 145 0.05 -20.95 8.32
C ARG A 145 -0.05 -22.35 7.70
N ASP A 146 1.07 -22.88 7.21
CA ASP A 146 1.14 -24.29 6.83
C ASP A 146 2.57 -24.80 7.05
N VAL A 147 3.08 -24.61 8.27
CA VAL A 147 4.38 -25.14 8.65
C VAL A 147 4.21 -26.56 9.12
N LYS A 148 4.52 -27.50 8.24
CA LYS A 148 4.51 -28.92 8.59
C LYS A 148 5.85 -29.55 8.17
N PRO A 149 6.16 -30.74 8.68
CA PRO A 149 7.42 -31.40 8.33
C PRO A 149 7.68 -31.57 6.82
N GLU A 150 6.64 -31.69 6.02
CA GLU A 150 6.81 -31.82 4.58
C GLU A 150 7.20 -30.49 3.92
N ASN A 151 6.96 -29.38 4.62
CA ASN A 151 7.43 -28.09 4.15
C ASN A 151 8.83 -27.79 4.67
N LEU A 152 9.54 -28.82 5.12
CA LEU A 152 10.90 -28.59 5.58
C LEU A 152 11.89 -29.55 4.92
N LEU A 153 12.67 -29.03 3.98
CA LEU A 153 13.65 -29.80 3.24
C LEU A 153 15.05 -29.31 3.59
N TYR A 154 16.02 -30.22 3.56
CA TYR A 154 17.42 -29.85 3.72
C TYR A 154 18.02 -29.52 2.37
N THR A 155 18.92 -28.55 2.35
CA THR A 155 19.63 -28.23 1.12
C THR A 155 20.36 -29.45 0.55
N SER A 156 21.44 -29.88 1.20
CA SER A 156 22.20 -31.04 0.72
C SER A 156 22.06 -32.22 1.66
N LYS A 157 22.81 -33.28 1.36
CA LYS A 157 22.91 -34.42 2.27
C LYS A 157 24.22 -34.39 3.03
N ARG A 158 24.89 -33.24 2.98
CA ARG A 158 26.06 -32.96 3.80
C ARG A 158 25.64 -32.69 5.26
N PRO A 159 26.55 -32.90 6.23
CA PRO A 159 26.21 -32.69 7.64
C PRO A 159 26.07 -31.21 7.98
N ASN A 160 26.44 -30.39 7.00
CA ASN A 160 26.46 -28.94 7.17
C ASN A 160 25.43 -28.32 6.21
N ALA A 161 24.46 -29.14 5.84
CA ALA A 161 23.36 -28.72 4.99
C ALA A 161 22.28 -28.04 5.81
N ILE A 162 21.76 -26.92 5.30
CA ILE A 162 20.80 -26.09 6.02
C ILE A 162 19.38 -26.67 6.00
N LEU A 163 18.62 -26.38 7.05
CA LEU A 163 17.19 -26.70 7.06
C LEU A 163 16.34 -25.51 6.63
N LYS A 164 15.50 -25.73 5.62
CA LYS A 164 14.81 -24.64 4.96
C LYS A 164 13.33 -24.84 4.82
N LEU A 165 12.58 -23.76 5.03
CA LEU A 165 11.12 -23.79 5.05
C LEU A 165 10.54 -23.43 3.69
N THR A 166 9.75 -24.35 3.14
CA THR A 166 9.21 -24.18 1.80
C THR A 166 7.72 -23.82 1.87
N ASP A 167 7.20 -23.39 0.72
CA ASP A 167 5.76 -23.18 0.43
C ASP A 167 5.04 -22.01 1.07
N PHE A 168 4.81 -20.96 0.31
CA PHE A 168 4.02 -19.83 0.80
C PHE A 168 2.59 -19.79 0.25
N GLY A 169 2.09 -20.94 -0.14
CA GLY A 169 0.74 -21.02 -0.68
C GLY A 169 -0.32 -20.55 0.29
N PHE A 170 -0.22 -20.94 1.55
CA PHE A 170 -1.20 -20.51 2.53
C PHE A 170 -0.73 -19.31 3.30
N ALA A 171 0.47 -18.83 3.03
CA ALA A 171 1.00 -17.74 3.84
C ALA A 171 0.17 -16.48 3.69
N LYS A 172 0.03 -15.73 4.78
CA LYS A 172 -0.83 -14.56 4.78
C LYS A 172 -0.24 -13.36 5.50
N GLU A 173 -0.63 -12.18 5.07
CA GLU A 173 -0.15 -10.96 5.69
C GLU A 173 -1.03 -10.55 6.88
N THR A 174 -0.43 -9.91 7.88
CA THR A 174 -1.15 -9.67 9.13
C THR A 174 -1.44 -8.20 9.47
N THR A 175 -1.52 -7.36 8.43
CA THR A 175 -1.90 -5.95 8.58
C THR A 175 -2.34 -5.34 7.26
N PRO A 187 3.65 7.27 19.45
CA PRO A 187 4.93 7.56 20.11
C PRO A 187 5.75 6.31 20.42
N TYR A 188 6.14 6.18 21.68
CA TYR A 188 7.02 5.11 22.12
C TYR A 188 6.35 4.18 23.12
N TYR A 189 5.51 4.75 23.97
CA TYR A 189 4.82 3.98 25.01
C TYR A 189 3.44 3.55 24.49
N VAL A 190 3.22 3.71 23.19
CA VAL A 190 2.01 3.21 22.55
C VAL A 190 2.00 1.67 22.55
N ALA A 191 0.81 1.08 22.59
CA ALA A 191 0.66 -0.36 22.77
C ALA A 191 0.48 -1.05 21.43
N PRO A 192 0.84 -2.34 21.33
CA PRO A 192 0.90 -2.97 20.02
C PRO A 192 -0.48 -3.14 19.41
N GLU A 193 -1.52 -3.07 20.22
CA GLU A 193 -2.88 -3.12 19.68
C GLU A 193 -3.05 -1.98 18.70
N VAL A 194 -2.93 -0.76 19.21
CA VAL A 194 -3.14 0.44 18.42
C VAL A 194 -2.32 0.39 17.14
N LEU A 195 -1.05 0.02 17.29
CA LEU A 195 -0.12 -0.05 16.18
C LEU A 195 -0.48 -1.25 15.31
N GLY A 196 -1.72 -1.29 14.86
CA GLY A 196 -2.12 -2.31 13.92
C GLY A 196 -2.69 -3.50 14.65
N PRO A 197 -4.02 -3.69 14.56
CA PRO A 197 -4.70 -4.76 15.29
C PRO A 197 -4.08 -6.17 15.19
N GLU A 198 -3.60 -6.52 13.99
CA GLU A 198 -3.02 -7.87 13.78
C GLU A 198 -3.93 -9.02 14.38
N LYS A 199 -4.54 -9.80 13.52
CA LYS A 199 -5.34 -10.95 13.95
C LYS A 199 -4.65 -11.85 14.96
N TYR A 200 -4.86 -13.15 14.76
CA TYR A 200 -4.22 -14.23 15.53
C TYR A 200 -3.76 -15.27 14.51
N ASP A 201 -2.96 -14.85 13.52
CA ASP A 201 -2.51 -15.75 12.46
C ASP A 201 -1.11 -16.29 12.74
N LYS A 202 -0.24 -15.40 13.17
CA LYS A 202 1.13 -15.80 13.53
C LYS A 202 0.99 -16.92 14.54
N SER A 203 -0.18 -16.99 15.13
CA SER A 203 -0.47 -17.88 16.25
C SER A 203 -0.38 -19.35 15.84
N CYS A 204 -1.03 -19.70 14.74
CA CYS A 204 -1.07 -21.10 14.35
C CYS A 204 0.20 -21.54 13.63
N ASP A 205 1.22 -20.68 13.65
CA ASP A 205 2.57 -21.10 13.31
C ASP A 205 3.15 -21.63 14.61
N MET A 206 2.87 -20.90 15.69
CA MET A 206 3.35 -21.27 17.01
C MET A 206 2.81 -22.65 17.41
N TRP A 207 1.55 -22.93 17.07
CA TRP A 207 0.98 -24.25 17.31
C TRP A 207 1.73 -25.31 16.51
N SER A 208 1.82 -25.13 15.20
CA SER A 208 2.54 -26.08 14.36
C SER A 208 4.00 -26.31 14.82
N LEU A 209 4.61 -25.29 15.42
CA LEU A 209 5.92 -25.46 16.06
C LEU A 209 5.92 -26.49 17.21
N GLY A 210 4.89 -26.45 18.04
CA GLY A 210 4.76 -27.47 19.07
C GLY A 210 4.59 -28.88 18.50
N VAL A 211 3.68 -29.02 17.55
CA VAL A 211 3.45 -30.28 16.85
C VAL A 211 4.72 -30.88 16.28
N ILE A 212 5.58 -30.01 15.74
CA ILE A 212 6.83 -30.47 15.18
C ILE A 212 7.88 -30.69 16.26
N MET A 213 7.77 -29.96 17.36
CA MET A 213 8.65 -30.22 18.50
C MET A 213 8.28 -31.56 19.12
N TYR A 214 6.99 -31.80 19.26
CA TYR A 214 6.52 -33.05 19.83
C TYR A 214 6.94 -34.22 18.97
N ILE A 215 6.75 -34.11 17.68
CA ILE A 215 7.02 -35.26 16.82
C ILE A 215 8.52 -35.43 16.71
N LEU A 216 9.25 -34.37 17.03
CA LEU A 216 10.71 -34.39 16.97
C LEU A 216 11.30 -35.32 18.02
N LEU A 217 10.71 -35.31 19.20
CA LEU A 217 11.36 -35.90 20.36
C LEU A 217 11.01 -37.38 20.50
N CYS A 218 9.77 -37.75 20.24
CA CYS A 218 9.40 -39.16 20.41
C CYS A 218 9.34 -39.91 19.10
N GLY A 219 8.64 -39.36 18.13
CA GLY A 219 8.61 -39.98 16.83
C GLY A 219 7.21 -40.18 16.33
N TYR A 220 6.24 -39.71 17.10
CA TYR A 220 4.86 -39.64 16.65
C TYR A 220 4.23 -38.30 16.99
N PRO A 221 3.12 -37.97 16.33
CA PRO A 221 2.37 -36.76 16.61
C PRO A 221 1.55 -36.88 17.90
N PRO A 222 1.32 -35.75 18.57
CA PRO A 222 0.53 -35.71 19.80
C PRO A 222 -0.93 -36.08 19.55
N PHE A 223 -1.40 -35.77 18.35
CA PHE A 223 -2.78 -36.09 18.00
C PHE A 223 -2.83 -37.09 16.83
N TYR A 224 -3.61 -38.16 17.01
CA TYR A 224 -3.58 -39.32 16.11
C TYR A 224 -5.01 -39.88 15.94
N SER A 225 -5.16 -41.02 15.28
CA SER A 225 -6.48 -41.60 15.00
C SER A 225 -6.84 -42.87 15.79
N ASN A 226 -7.88 -42.76 16.63
CA ASN A 226 -8.34 -43.84 17.52
C ASN A 226 -9.78 -43.53 17.91
N HIS A 227 -10.71 -44.47 17.69
CA HIS A 227 -12.12 -44.15 17.88
C HIS A 227 -12.85 -44.97 18.96
N GLY A 228 -12.40 -46.18 19.22
CA GLY A 228 -13.08 -47.03 20.18
C GLY A 228 -12.66 -46.83 21.64
N LEU A 229 -12.57 -45.58 22.08
CA LEU A 229 -12.12 -45.26 23.43
C LEU A 229 -13.23 -44.67 24.32
N ALA A 230 -12.84 -43.82 25.27
CA ALA A 230 -13.76 -43.31 26.29
C ALA A 230 -14.38 -41.93 25.96
N ILE A 231 -13.64 -40.87 26.25
CA ILE A 231 -14.09 -39.50 26.03
C ILE A 231 -13.51 -38.87 24.76
N SER A 232 -14.37 -38.25 23.96
CA SER A 232 -13.94 -37.52 22.78
C SER A 232 -12.98 -38.34 21.91
N PRO A 233 -13.53 -39.21 21.04
CA PRO A 233 -12.74 -40.01 20.10
C PRO A 233 -12.15 -39.20 18.94
N GLY A 234 -13.00 -38.45 18.25
CA GLY A 234 -12.59 -37.73 17.05
C GLY A 234 -11.17 -37.22 17.10
N MET A 235 -10.38 -37.58 16.09
CA MET A 235 -9.07 -36.99 15.88
C MET A 235 -9.17 -35.49 16.12
N LYS A 236 -10.33 -34.93 15.75
CA LYS A 236 -10.50 -33.48 15.80
C LYS A 236 -10.97 -32.99 17.16
N THR A 237 -11.53 -33.88 17.97
CA THR A 237 -11.98 -33.44 19.29
C THR A 237 -10.81 -33.40 20.24
N ARG A 238 -9.90 -34.36 20.09
CA ARG A 238 -8.64 -34.33 20.84
C ARG A 238 -7.85 -33.04 20.59
N ILE A 239 -7.81 -32.60 19.32
CA ILE A 239 -7.23 -31.30 19.00
C ILE A 239 -7.95 -30.18 19.73
N ARG A 240 -9.28 -30.10 19.57
CA ARG A 240 -10.07 -29.02 20.15
C ARG A 240 -9.92 -28.93 21.65
N MET A 241 -10.01 -30.08 22.34
CA MET A 241 -9.95 -30.13 23.79
C MET A 241 -8.53 -29.84 24.26
N GLY A 242 -7.57 -30.21 23.44
CA GLY A 242 -6.19 -30.15 23.86
C GLY A 242 -5.85 -31.41 24.60
N GLN A 243 -6.48 -32.51 24.23
CA GLN A 243 -6.27 -33.75 24.93
C GLN A 243 -5.07 -34.51 24.36
N TYR A 244 -3.94 -34.47 25.06
CA TYR A 244 -2.79 -35.28 24.68
C TYR A 244 -1.88 -35.40 25.89
N GLU A 245 -0.78 -36.13 25.76
CA GLU A 245 0.24 -36.09 26.80
C GLU A 245 1.46 -36.88 26.37
N PHE A 246 2.40 -37.07 27.30
CA PHE A 246 3.74 -37.59 26.98
C PHE A 246 3.97 -39.00 27.54
N PRO A 247 3.66 -40.04 26.75
CA PRO A 247 3.84 -41.37 27.31
C PRO A 247 5.30 -41.76 27.53
N ASN A 248 5.52 -42.66 28.47
CA ASN A 248 6.78 -43.40 28.56
C ASN A 248 6.72 -44.58 27.59
N PRO A 249 7.87 -45.14 27.24
CA PRO A 249 9.19 -44.68 27.66
C PRO A 249 9.49 -43.41 26.90
N GLU A 250 8.93 -43.33 25.70
CA GLU A 250 9.26 -42.28 24.76
C GLU A 250 9.64 -40.99 25.44
N TRP A 251 8.91 -40.66 26.51
CA TRP A 251 9.11 -39.39 27.18
C TRP A 251 9.70 -39.51 28.57
N SER A 252 9.95 -40.75 28.99
CA SER A 252 10.39 -41.07 30.35
C SER A 252 11.47 -40.15 30.87
N GLU A 253 12.51 -39.96 30.07
CA GLU A 253 13.67 -39.18 30.50
C GLU A 253 13.77 -37.83 29.82
N VAL A 254 12.67 -37.36 29.22
CA VAL A 254 12.71 -36.13 28.47
C VAL A 254 12.46 -34.90 29.36
N SER A 255 13.33 -33.93 29.23
CA SER A 255 13.32 -32.74 30.10
C SER A 255 11.87 -32.31 30.38
N GLU A 256 11.49 -32.29 31.66
CA GLU A 256 10.19 -31.74 32.04
C GLU A 256 10.18 -30.21 31.87
N GLU A 257 11.32 -29.65 31.51
CA GLU A 257 11.36 -28.25 31.08
C GLU A 257 10.87 -28.17 29.65
N VAL A 258 11.26 -29.16 28.85
CA VAL A 258 10.92 -29.19 27.44
C VAL A 258 9.46 -29.50 27.26
N LYS A 259 8.94 -30.37 28.11
CA LYS A 259 7.54 -30.73 28.04
C LYS A 259 6.71 -29.49 28.36
N MET A 260 7.19 -28.72 29.33
CA MET A 260 6.51 -27.51 29.78
C MET A 260 6.52 -26.42 28.70
N LEU A 261 7.50 -26.51 27.81
CA LEU A 261 7.62 -25.63 26.65
C LEU A 261 6.60 -26.02 25.56
N ILE A 262 6.47 -27.32 25.33
CA ILE A 262 5.47 -27.88 24.43
C ILE A 262 4.04 -27.70 24.96
N ARG A 263 3.91 -27.32 26.22
CA ARG A 263 2.60 -27.06 26.80
C ARG A 263 2.18 -25.62 26.48
N ASN A 264 3.10 -24.81 26.00
CA ASN A 264 2.79 -23.39 25.82
C ASN A 264 2.61 -23.02 24.36
N LEU A 265 2.71 -24.02 23.48
CA LEU A 265 2.51 -23.80 22.05
C LEU A 265 1.27 -24.59 21.66
N LEU A 266 1.12 -25.76 22.29
CA LEU A 266 -0.06 -26.57 22.09
C LEU A 266 -1.22 -26.17 23.01
N LYS A 267 -1.27 -24.90 23.39
CA LYS A 267 -2.45 -24.39 24.07
C LYS A 267 -3.64 -24.39 23.11
N THR A 268 -4.83 -24.75 23.58
CA THR A 268 -6.03 -24.69 22.74
C THR A 268 -6.33 -23.24 22.37
N GLU A 269 -6.05 -22.34 23.31
CA GLU A 269 -6.45 -20.95 23.15
C GLU A 269 -5.33 -20.14 22.49
N PRO A 270 -5.60 -19.54 21.31
CA PRO A 270 -4.55 -18.88 20.53
C PRO A 270 -3.86 -17.74 21.27
N THR A 271 -4.56 -17.18 22.25
CA THR A 271 -4.08 -16.00 22.95
C THR A 271 -3.17 -16.39 24.10
N GLN A 272 -3.22 -17.67 24.47
CA GLN A 272 -2.39 -18.21 25.54
C GLN A 272 -1.08 -18.78 25.02
N ARG A 273 -0.93 -18.89 23.69
CA ARG A 273 0.28 -19.51 23.14
C ARG A 273 1.45 -18.58 23.29
N MET A 274 2.64 -19.13 23.05
CA MET A 274 3.89 -18.41 23.25
C MET A 274 4.29 -17.72 21.94
N THR A 275 4.65 -16.44 22.01
CA THR A 275 5.01 -15.68 20.80
C THR A 275 6.36 -16.15 20.22
N ILE A 276 6.57 -16.00 18.92
CA ILE A 276 7.79 -16.52 18.32
C ILE A 276 9.04 -15.93 18.99
N THR A 277 8.89 -14.74 19.56
CA THR A 277 9.98 -14.15 20.33
C THR A 277 10.23 -14.85 21.67
N GLU A 278 9.18 -14.95 22.48
CA GLU A 278 9.24 -15.75 23.71
C GLU A 278 9.83 -17.14 23.44
N PHE A 279 9.48 -17.70 22.29
CA PHE A 279 9.97 -19.02 21.92
C PHE A 279 11.47 -19.01 21.78
N MET A 280 11.97 -18.02 21.05
CA MET A 280 13.39 -17.96 20.71
C MET A 280 14.25 -17.59 21.89
N ASN A 281 13.79 -16.64 22.70
CA ASN A 281 14.50 -16.27 23.91
C ASN A 281 14.48 -17.42 24.93
N HIS A 282 13.39 -18.17 24.97
CA HIS A 282 13.30 -19.30 25.89
C HIS A 282 14.58 -20.13 25.81
N PRO A 283 15.09 -20.56 26.97
CA PRO A 283 16.38 -21.26 27.11
C PRO A 283 16.56 -22.53 26.27
N TRP A 284 15.65 -23.50 26.38
CA TRP A 284 15.86 -24.75 25.68
C TRP A 284 16.21 -24.51 24.22
N ILE A 285 15.65 -23.46 23.61
CA ILE A 285 16.07 -23.07 22.26
C ILE A 285 17.33 -22.20 22.27
N MET A 286 17.26 -21.06 22.93
CA MET A 286 18.34 -20.08 22.89
C MET A 286 19.70 -20.71 23.16
N GLN A 287 19.88 -21.22 24.37
CA GLN A 287 21.06 -22.02 24.68
C GLN A 287 20.92 -23.52 24.30
N SER A 288 20.82 -23.82 23.02
CA SER A 288 20.73 -25.20 22.54
C SER A 288 22.03 -25.95 22.86
N THR A 289 23.10 -25.18 23.02
CA THR A 289 24.44 -25.73 23.13
C THR A 289 24.84 -25.97 24.58
N LYS A 290 23.92 -26.56 25.34
CA LYS A 290 24.05 -26.70 26.79
C LYS A 290 22.73 -27.27 27.34
N VAL A 291 22.07 -28.06 26.47
CA VAL A 291 20.98 -28.95 26.89
C VAL A 291 21.47 -30.39 26.95
N PRO A 292 20.75 -31.25 27.71
CA PRO A 292 21.09 -32.68 27.72
C PRO A 292 21.31 -33.26 26.32
N GLN A 293 22.37 -34.04 26.16
CA GLN A 293 22.67 -34.69 24.89
C GLN A 293 22.05 -36.08 24.89
N THR A 294 21.04 -36.26 25.74
CA THR A 294 20.48 -37.57 26.02
C THR A 294 19.68 -38.16 24.84
N PRO A 295 19.78 -39.48 24.64
CA PRO A 295 19.16 -40.25 23.54
C PRO A 295 17.69 -39.96 23.32
N LEU A 296 17.20 -40.28 22.13
CA LEU A 296 15.79 -40.10 21.79
C LEU A 296 15.26 -41.17 20.83
N HIS A 297 14.03 -41.60 21.09
CA HIS A 297 13.47 -42.76 20.41
C HIS A 297 13.15 -42.49 18.94
N THR A 298 13.19 -41.23 18.54
CA THR A 298 12.73 -40.81 17.22
C THR A 298 13.14 -41.77 16.10
N SER A 299 14.44 -41.95 15.91
CA SER A 299 14.98 -42.64 14.75
C SER A 299 14.42 -44.05 14.62
N ARG A 300 14.30 -44.74 15.74
CA ARG A 300 13.75 -46.09 15.76
C ARG A 300 12.23 -46.08 15.82
N VAL A 301 11.66 -45.06 16.46
CA VAL A 301 10.21 -44.92 16.52
C VAL A 301 9.67 -44.65 15.12
N LEU A 302 10.27 -43.65 14.49
CA LEU A 302 9.80 -43.13 13.23
C LEU A 302 10.07 -44.14 12.12
N LYS A 303 11.04 -45.03 12.36
CA LYS A 303 11.41 -46.06 11.39
C LYS A 303 10.47 -47.24 11.45
N GLU A 304 10.29 -47.79 12.65
CA GLU A 304 9.43 -48.95 12.82
C GLU A 304 8.03 -48.69 12.27
N ASP A 305 7.42 -47.59 12.72
CA ASP A 305 6.07 -47.25 12.33
C ASP A 305 5.93 -47.19 10.82
N LYS A 306 6.14 -46.01 10.26
CA LYS A 306 5.95 -45.77 8.82
C LYS A 306 4.80 -46.59 8.20
N PRO B 4 7.02 -32.53 -21.46
CA PRO B 4 6.79 -31.85 -22.77
C PRO B 4 6.15 -30.45 -22.66
N GLN B 5 6.98 -29.43 -22.87
CA GLN B 5 6.60 -28.03 -22.64
C GLN B 5 6.87 -27.18 -23.87
N PHE B 6 5.85 -27.00 -24.68
CA PHE B 6 5.99 -26.24 -25.91
C PHE B 6 5.06 -25.05 -25.82
N HIS B 7 3.81 -25.31 -25.44
CA HIS B 7 2.82 -24.24 -25.33
C HIS B 7 3.14 -23.36 -24.14
N VAL B 8 4.38 -22.86 -24.13
CA VAL B 8 4.85 -21.88 -23.16
C VAL B 8 5.40 -20.64 -23.88
N LYS B 9 4.49 -19.75 -24.26
CA LYS B 9 4.83 -18.44 -24.82
C LYS B 9 5.22 -17.45 -23.72
N SER B 10 6.10 -16.51 -24.08
CA SER B 10 6.52 -15.49 -23.14
C SER B 10 5.43 -14.45 -22.85
N GLY B 11 5.53 -13.81 -21.69
CA GLY B 11 4.64 -12.70 -21.35
C GLY B 11 4.92 -11.48 -22.23
N LEU B 12 4.37 -10.34 -21.83
CA LEU B 12 4.49 -9.10 -22.61
C LEU B 12 5.23 -8.02 -21.85
N GLN B 13 6.51 -7.78 -22.15
CA GLN B 13 7.23 -6.74 -21.41
C GLN B 13 7.09 -5.41 -22.13
N ILE B 14 6.30 -4.52 -21.55
CA ILE B 14 6.01 -3.21 -22.14
C ILE B 14 7.21 -2.25 -22.14
N LYS B 15 7.55 -1.72 -23.31
CA LYS B 15 8.66 -0.79 -23.36
C LYS B 15 8.24 0.57 -22.85
N LYS B 16 9.17 1.24 -22.19
CA LYS B 16 8.86 2.44 -21.44
C LYS B 16 9.46 3.67 -22.07
N ASN B 17 10.54 3.44 -22.82
CA ASN B 17 11.21 4.54 -23.49
C ASN B 17 10.29 5.05 -24.58
N ALA B 18 10.45 6.33 -24.91
CA ALA B 18 9.61 6.97 -25.90
C ALA B 18 9.76 6.24 -27.21
N ILE B 19 8.67 6.15 -27.97
CA ILE B 19 8.66 5.26 -29.11
C ILE B 19 9.46 5.83 -30.27
N ILE B 20 9.62 7.16 -30.25
CA ILE B 20 10.40 7.80 -31.28
C ILE B 20 11.86 7.35 -31.22
N ASP B 21 12.33 6.98 -30.05
CA ASP B 21 13.67 6.42 -29.95
C ASP B 21 13.92 5.33 -30.98
N ASP B 22 12.85 4.68 -31.46
CA ASP B 22 13.01 3.43 -32.23
C ASP B 22 12.36 3.47 -33.59
N TYR B 23 11.31 4.26 -33.71
CA TYR B 23 10.51 4.25 -34.92
C TYR B 23 10.40 5.66 -35.45
N LYS B 24 9.94 5.78 -36.69
CA LYS B 24 9.60 7.09 -37.24
C LYS B 24 8.09 7.20 -37.26
N VAL B 25 7.55 7.99 -36.34
CA VAL B 25 6.11 8.08 -36.20
C VAL B 25 5.54 9.11 -37.14
N THR B 26 4.95 8.68 -38.25
CA THR B 26 4.35 9.64 -39.17
C THR B 26 2.95 10.10 -38.76
N SER B 27 2.22 10.64 -39.73
CA SER B 27 0.91 11.22 -39.46
C SER B 27 -0.05 10.56 -40.42
N GLN B 28 0.50 9.71 -41.28
CA GLN B 28 -0.26 9.06 -42.32
C GLN B 28 -1.09 7.92 -41.73
N VAL B 29 -2.40 8.03 -41.89
CA VAL B 29 -3.32 7.08 -41.30
C VAL B 29 -3.41 5.83 -42.17
N LEU B 30 -3.20 4.67 -41.56
CA LEU B 30 -3.33 3.41 -42.27
C LEU B 30 -4.76 2.89 -42.23
N GLY B 31 -5.59 3.46 -41.36
CA GLY B 31 -6.93 2.92 -41.16
C GLY B 31 -7.40 3.26 -39.76
N LEU B 32 -8.69 3.07 -39.49
CA LEU B 32 -9.21 3.48 -38.19
C LEU B 32 -9.90 2.36 -37.42
N GLY B 33 -9.60 2.28 -36.13
CA GLY B 33 -10.13 1.19 -35.33
C GLY B 33 -10.92 1.72 -34.14
N ILE B 34 -11.62 0.81 -33.47
CA ILE B 34 -12.27 1.12 -32.22
C ILE B 34 -11.17 1.62 -31.30
N ASN B 35 -11.39 2.72 -30.59
CA ASN B 35 -10.52 3.10 -29.47
C ASN B 35 -9.15 3.64 -29.90
N GLY B 36 -9.00 4.02 -31.17
CA GLY B 36 -7.74 4.56 -31.64
C GLY B 36 -7.51 4.44 -33.12
N LYS B 37 -6.81 5.42 -33.69
CA LYS B 37 -6.46 5.41 -35.10
C LYS B 37 -5.19 4.59 -35.28
N VAL B 38 -5.03 3.98 -36.44
CA VAL B 38 -3.81 3.26 -36.73
C VAL B 38 -2.93 4.01 -37.70
N LEU B 39 -1.92 4.67 -37.14
CA LEU B 39 -0.94 5.41 -37.90
C LEU B 39 0.09 4.48 -38.51
N GLN B 40 0.82 4.97 -39.51
CA GLN B 40 1.93 4.22 -40.06
C GLN B 40 3.24 4.75 -39.51
N ILE B 41 4.21 3.85 -39.32
CA ILE B 41 5.48 4.22 -38.70
C ILE B 41 6.61 3.42 -39.32
N PHE B 42 7.83 3.95 -39.27
CA PHE B 42 8.99 3.21 -39.77
C PHE B 42 9.98 2.87 -38.67
N ASN B 43 10.50 1.65 -38.72
CA ASN B 43 11.54 1.24 -37.79
C ASN B 43 12.86 1.76 -38.27
N LYS B 44 13.44 2.70 -37.54
CA LYS B 44 14.70 3.28 -37.97
C LYS B 44 15.70 2.21 -38.40
N ARG B 45 16.17 1.41 -37.44
CA ARG B 45 17.24 0.46 -37.73
C ARG B 45 17.09 -0.43 -38.96
N THR B 46 15.88 -0.79 -39.34
CA THR B 46 15.68 -1.59 -40.57
C THR B 46 14.98 -0.87 -41.72
N GLN B 47 14.52 0.36 -41.47
CA GLN B 47 13.84 1.15 -42.49
C GLN B 47 12.47 0.60 -42.90
N GLU B 48 12.14 -0.63 -42.49
CA GLU B 48 10.84 -1.21 -42.82
C GLU B 48 9.72 -0.64 -41.96
N LYS B 49 8.47 -0.80 -42.41
CA LYS B 49 7.35 -0.10 -41.80
C LYS B 49 6.34 -0.99 -41.10
N PHE B 50 5.86 -0.53 -39.96
CA PHE B 50 4.90 -1.27 -39.17
C PHE B 50 3.70 -0.35 -39.02
N ALA B 51 2.72 -0.76 -38.22
CA ALA B 51 1.58 0.10 -37.98
C ALA B 51 1.48 0.41 -36.49
N LEU B 52 1.21 1.67 -36.17
CA LEU B 52 1.05 2.10 -34.80
C LEU B 52 -0.42 2.37 -34.45
N LYS B 53 -0.90 1.78 -33.37
CA LYS B 53 -2.24 2.10 -32.89
C LYS B 53 -2.10 2.91 -31.63
N MET B 54 -2.83 4.02 -31.55
CA MET B 54 -2.74 4.88 -30.38
C MET B 54 -3.97 4.82 -29.52
N LEU B 55 -3.76 4.59 -28.23
CA LEU B 55 -4.86 4.47 -27.28
C LEU B 55 -4.53 5.34 -26.07
N GLN B 56 -5.53 6.06 -25.58
CA GLN B 56 -5.48 6.67 -24.24
C GLN B 56 -5.59 5.58 -23.19
N ASP B 57 -4.56 5.44 -22.36
CA ASP B 57 -4.55 4.39 -21.35
C ASP B 57 -5.76 4.50 -20.43
N CYS B 58 -6.29 3.34 -20.07
CA CYS B 58 -7.43 3.25 -19.16
C CYS B 58 -7.67 1.76 -19.05
N PRO B 59 -8.74 1.32 -18.36
CA PRO B 59 -8.96 -0.12 -18.42
C PRO B 59 -9.14 -0.62 -19.86
N LYS B 60 -10.03 0.01 -20.62
CA LYS B 60 -10.34 -0.43 -21.96
C LYS B 60 -9.09 -0.83 -22.73
N ALA B 61 -8.16 0.11 -22.88
CA ALA B 61 -7.01 -0.06 -23.78
C ALA B 61 -6.03 -1.03 -23.18
N ARG B 62 -6.03 -1.12 -21.85
CA ARG B 62 -5.18 -2.06 -21.14
C ARG B 62 -5.69 -3.47 -21.43
N ARG B 63 -7.02 -3.61 -21.51
CA ARG B 63 -7.67 -4.89 -21.76
C ARG B 63 -7.43 -5.37 -23.17
N GLU B 64 -7.52 -4.46 -24.12
CA GLU B 64 -7.30 -4.79 -25.52
C GLU B 64 -5.85 -5.17 -25.78
N VAL B 65 -4.92 -4.54 -25.08
CA VAL B 65 -3.51 -4.91 -25.22
C VAL B 65 -3.27 -6.31 -24.69
N GLU B 66 -3.89 -6.63 -23.56
CA GLU B 66 -3.60 -7.86 -22.84
C GLU B 66 -4.15 -9.05 -23.58
N LEU B 67 -5.34 -8.87 -24.16
CA LEU B 67 -6.05 -9.97 -24.81
C LEU B 67 -5.47 -10.21 -26.19
N HIS B 68 -5.14 -9.12 -26.87
CA HIS B 68 -4.42 -9.15 -28.15
C HIS B 68 -3.14 -9.91 -27.97
N TRP B 69 -2.36 -9.48 -27.00
CA TRP B 69 -1.08 -10.08 -26.77
C TRP B 69 -1.19 -11.60 -26.76
N ARG B 70 -2.17 -12.15 -26.07
CA ARG B 70 -2.25 -13.58 -25.86
C ARG B 70 -2.77 -14.28 -27.10
N ALA B 71 -3.51 -13.55 -27.94
CA ALA B 71 -4.02 -14.11 -29.19
C ALA B 71 -2.96 -14.04 -30.28
N SER B 72 -1.97 -13.18 -30.08
CA SER B 72 -0.93 -12.85 -31.05
C SER B 72 -0.15 -14.09 -31.50
N GLN B 73 -0.04 -15.03 -30.58
CA GLN B 73 0.57 -16.33 -30.84
C GLN B 73 0.02 -17.06 -32.08
N CYS B 74 -1.17 -16.70 -32.53
CA CYS B 74 -1.85 -17.37 -33.63
C CYS B 74 -1.45 -16.69 -34.92
N PRO B 75 -0.96 -17.48 -35.88
CA PRO B 75 -0.50 -16.88 -37.14
C PRO B 75 -1.60 -16.09 -37.85
N HIS B 76 -2.85 -16.47 -37.67
CA HIS B 76 -3.95 -15.81 -38.37
C HIS B 76 -4.48 -14.54 -37.68
N ILE B 77 -3.68 -14.02 -36.75
CA ILE B 77 -4.04 -12.85 -35.97
C ILE B 77 -2.90 -11.85 -36.03
N VAL B 78 -3.24 -10.59 -36.29
CA VAL B 78 -2.21 -9.61 -36.56
C VAL B 78 -1.21 -9.55 -35.40
N ARG B 79 0.01 -9.95 -35.74
CA ARG B 79 1.12 -10.03 -34.80
C ARG B 79 1.47 -8.65 -34.21
N ILE B 80 1.70 -8.65 -32.90
CA ILE B 80 2.15 -7.48 -32.17
C ILE B 80 3.66 -7.54 -32.13
N VAL B 81 4.31 -6.42 -32.42
CA VAL B 81 5.76 -6.35 -32.43
C VAL B 81 6.27 -5.75 -31.14
N ASP B 82 5.55 -4.75 -30.61
CA ASP B 82 5.90 -4.09 -29.35
C ASP B 82 4.71 -3.31 -28.76
N VAL B 83 4.76 -3.03 -27.46
CA VAL B 83 3.82 -2.10 -26.82
C VAL B 83 4.62 -1.16 -25.93
N TYR B 84 4.37 0.13 -26.07
CA TYR B 84 5.12 1.14 -25.34
C TYR B 84 4.18 1.85 -24.40
N GLU B 85 4.55 2.00 -23.13
CA GLU B 85 3.83 2.96 -22.29
C GLU B 85 4.54 4.30 -22.39
N ASN B 86 3.82 5.27 -22.93
CA ASN B 86 4.40 6.59 -23.14
C ASN B 86 3.52 7.67 -22.58
N LEU B 87 4.16 8.77 -22.18
CA LEU B 87 3.51 10.06 -22.03
C LEU B 87 3.28 10.67 -23.42
N TYR B 88 2.03 10.90 -23.77
CA TYR B 88 1.71 11.72 -24.93
C TYR B 88 1.00 12.93 -24.43
N ALA B 89 1.65 14.09 -24.52
CA ALA B 89 1.09 15.29 -23.96
C ALA B 89 0.75 15.10 -22.48
N GLY B 90 1.75 14.73 -21.67
CA GLY B 90 1.60 14.73 -20.22
C GLY B 90 0.53 13.78 -19.69
N ARG B 91 -0.05 12.98 -20.59
CA ARG B 91 -1.09 12.03 -20.24
C ARG B 91 -0.74 10.68 -20.84
N LYS B 92 -0.55 9.67 -20.00
CA LYS B 92 0.14 8.46 -20.44
C LYS B 92 -0.79 7.47 -21.11
N CYS B 93 -0.28 6.79 -22.12
CA CYS B 93 -1.08 5.85 -22.89
C CYS B 93 -0.25 4.74 -23.54
N LEU B 94 -0.92 3.69 -23.98
CA LEU B 94 -0.27 2.55 -24.59
C LEU B 94 -0.23 2.70 -26.09
N LEU B 95 0.85 2.25 -26.70
CA LEU B 95 1.08 2.35 -28.13
C LEU B 95 1.40 0.96 -28.62
N ILE B 96 0.62 0.44 -29.57
CA ILE B 96 0.79 -0.94 -30.02
C ILE B 96 1.41 -0.97 -31.40
N VAL B 97 2.62 -1.50 -31.48
CA VAL B 97 3.29 -1.62 -32.76
C VAL B 97 3.00 -2.99 -33.34
N MET B 98 2.33 -3.01 -34.50
CA MET B 98 1.94 -4.24 -35.14
C MET B 98 2.53 -4.36 -36.54
N GLU B 99 2.83 -5.60 -36.94
CA GLU B 99 3.13 -5.90 -38.33
C GLU B 99 2.17 -5.20 -39.27
N CYS B 100 2.62 -4.91 -40.49
CA CYS B 100 1.75 -4.26 -41.45
C CYS B 100 0.97 -5.32 -42.22
N LEU B 101 -0.16 -4.91 -42.79
CA LEU B 101 -1.04 -5.82 -43.51
C LEU B 101 -1.44 -5.22 -44.87
N ASP B 102 -0.52 -5.25 -45.82
CA ASP B 102 -0.66 -4.49 -47.05
C ASP B 102 -1.73 -5.02 -48.01
N GLY B 103 -1.70 -6.32 -48.30
CA GLY B 103 -2.57 -6.90 -49.32
C GLY B 103 -4.07 -6.54 -49.40
N GLY B 104 -4.55 -5.69 -48.51
CA GLY B 104 -5.95 -5.27 -48.54
C GLY B 104 -6.88 -6.10 -47.68
N GLU B 105 -8.11 -5.66 -47.52
CA GLU B 105 -9.09 -6.38 -46.71
C GLU B 105 -9.90 -7.34 -47.56
N LEU B 106 -10.61 -8.25 -46.91
CA LEU B 106 -11.07 -9.47 -47.54
C LEU B 106 -11.81 -9.22 -48.85
N PHE B 107 -12.83 -8.36 -48.80
CA PHE B 107 -13.72 -8.19 -49.94
C PHE B 107 -13.10 -7.40 -51.09
N SER B 108 -12.29 -6.40 -50.75
CA SER B 108 -11.48 -5.71 -51.74
C SER B 108 -10.74 -6.71 -52.62
N ARG B 109 -9.78 -7.42 -52.04
CA ARG B 109 -9.05 -8.44 -52.78
C ARG B 109 -9.90 -9.34 -53.70
N ILE B 110 -11.19 -9.49 -53.40
CA ILE B 110 -12.08 -10.29 -54.24
C ILE B 110 -12.70 -9.46 -55.34
N GLN B 111 -13.03 -8.21 -55.02
CA GLN B 111 -13.64 -7.29 -55.99
C GLN B 111 -12.62 -6.73 -56.96
N ASP B 112 -11.44 -6.39 -56.46
CA ASP B 112 -10.36 -5.93 -57.33
C ASP B 112 -10.16 -6.93 -58.44
N ARG B 113 -10.39 -8.21 -58.15
CA ARG B 113 -10.21 -9.28 -59.13
C ARG B 113 -11.05 -9.11 -60.41
N GLY B 114 -10.45 -9.53 -61.52
CA GLY B 114 -11.19 -9.74 -62.76
C GLY B 114 -10.68 -11.01 -63.39
N ASP B 115 -9.54 -11.48 -62.87
CA ASP B 115 -8.95 -12.76 -63.25
C ASP B 115 -9.86 -13.95 -62.90
N GLN B 116 -11.15 -13.62 -62.73
CA GLN B 116 -12.25 -14.60 -62.81
C GLN B 116 -12.24 -15.58 -61.66
N ALA B 117 -13.33 -16.34 -61.58
CA ALA B 117 -13.39 -17.64 -60.92
C ALA B 117 -13.19 -17.50 -59.42
N PHE B 118 -13.84 -16.50 -58.80
CA PHE B 118 -13.86 -16.56 -57.35
C PHE B 118 -14.68 -17.79 -57.06
N THR B 119 -14.01 -18.82 -56.55
CA THR B 119 -14.54 -20.16 -56.62
C THR B 119 -15.11 -20.58 -55.25
N GLU B 120 -16.04 -21.52 -55.22
CA GLU B 120 -16.55 -21.97 -53.94
C GLU B 120 -15.47 -22.57 -53.05
N ARG B 121 -14.50 -23.26 -53.65
CA ARG B 121 -13.36 -23.77 -52.87
C ARG B 121 -12.70 -22.60 -52.16
N GLU B 122 -12.62 -21.48 -52.86
CA GLU B 122 -11.86 -20.33 -52.38
C GLU B 122 -12.48 -19.63 -51.18
N ALA B 123 -13.79 -19.39 -51.26
CA ALA B 123 -14.53 -18.86 -50.11
C ALA B 123 -14.34 -19.84 -48.94
N SER B 124 -14.55 -21.12 -49.19
CA SER B 124 -14.31 -22.13 -48.19
C SER B 124 -12.95 -22.03 -47.56
N GLU B 125 -11.92 -21.90 -48.38
CA GLU B 125 -10.56 -21.76 -47.87
C GLU B 125 -10.45 -20.51 -46.98
N ILE B 126 -11.02 -19.40 -47.46
CA ILE B 126 -11.04 -18.17 -46.68
C ILE B 126 -11.71 -18.45 -45.37
N MET B 127 -12.96 -18.92 -45.42
CA MET B 127 -13.73 -19.23 -44.22
C MET B 127 -12.98 -20.11 -43.21
N LYS B 128 -12.21 -21.05 -43.73
CA LYS B 128 -11.34 -21.86 -42.89
C LYS B 128 -10.23 -21.05 -42.21
N SER B 129 -9.60 -20.13 -42.93
CA SER B 129 -8.52 -19.38 -42.31
C SER B 129 -9.06 -18.48 -41.21
N ILE B 130 -10.25 -17.94 -41.42
CA ILE B 130 -10.91 -17.11 -40.40
C ILE B 130 -11.30 -17.98 -39.20
N GLY B 131 -11.81 -19.17 -39.48
CA GLY B 131 -12.11 -20.12 -38.43
C GLY B 131 -10.91 -20.39 -37.53
N GLU B 132 -9.74 -20.56 -38.15
CA GLU B 132 -8.50 -20.79 -37.43
C GLU B 132 -8.25 -19.69 -36.42
N ALA B 133 -8.49 -18.47 -36.85
CA ALA B 133 -8.38 -17.34 -35.94
C ALA B 133 -9.42 -17.48 -34.85
N ILE B 134 -10.69 -17.58 -35.23
CA ILE B 134 -11.77 -17.60 -34.23
C ILE B 134 -11.52 -18.73 -33.27
N GLN B 135 -11.17 -19.88 -33.81
CA GLN B 135 -10.93 -21.07 -33.02
C GLN B 135 -9.80 -20.92 -31.99
N TYR B 136 -8.73 -20.20 -32.33
CA TYR B 136 -7.65 -20.05 -31.39
C TYR B 136 -8.04 -19.20 -30.20
N LEU B 137 -8.96 -18.27 -30.40
CA LEU B 137 -9.38 -17.35 -29.34
C LEU B 137 -10.32 -18.04 -28.36
N HIS B 138 -11.32 -18.74 -28.89
CA HIS B 138 -12.28 -19.46 -28.06
C HIS B 138 -11.56 -20.55 -27.28
N SER B 139 -10.42 -20.99 -27.82
CA SER B 139 -9.62 -21.99 -27.16
C SER B 139 -8.78 -21.40 -26.05
N ILE B 140 -8.64 -20.08 -26.01
CA ILE B 140 -8.00 -19.44 -24.88
C ILE B 140 -9.00 -18.53 -24.19
N ASN B 141 -10.27 -18.72 -24.54
CA ASN B 141 -11.38 -18.07 -23.84
C ASN B 141 -11.49 -16.58 -24.07
N ILE B 142 -11.48 -16.20 -25.34
CA ILE B 142 -11.66 -14.82 -25.72
C ILE B 142 -12.74 -14.81 -26.81
N ALA B 143 -13.73 -13.96 -26.66
CA ALA B 143 -14.61 -13.63 -27.80
C ALA B 143 -14.00 -12.39 -28.43
N HIS B 144 -13.91 -12.36 -29.75
CA HIS B 144 -13.53 -11.14 -30.46
C HIS B 144 -14.77 -10.28 -30.38
N ARG B 145 -15.87 -10.88 -30.79
CA ARG B 145 -17.14 -10.18 -30.90
C ARG B 145 -17.01 -8.80 -31.49
N ASP B 146 -16.16 -8.68 -32.50
CA ASP B 146 -16.37 -7.71 -33.56
C ASP B 146 -15.80 -8.21 -34.90
N VAL B 147 -16.26 -9.36 -35.35
CA VAL B 147 -15.74 -9.94 -36.56
C VAL B 147 -16.44 -9.42 -37.81
N LYS B 148 -16.04 -8.23 -38.28
CA LYS B 148 -16.51 -7.72 -39.56
C LYS B 148 -15.49 -7.98 -40.67
N PRO B 149 -15.82 -7.65 -41.94
CA PRO B 149 -14.86 -7.76 -43.06
C PRO B 149 -13.78 -6.68 -43.05
N GLU B 150 -13.96 -5.67 -42.20
CA GLU B 150 -13.01 -4.55 -42.10
C GLU B 150 -11.82 -4.96 -41.25
N ASN B 151 -12.00 -5.95 -40.40
CA ASN B 151 -10.95 -6.37 -39.48
C ASN B 151 -10.18 -7.55 -40.06
N LEU B 152 -10.58 -8.01 -41.23
CA LEU B 152 -9.90 -9.10 -41.92
C LEU B 152 -9.05 -8.56 -43.06
N LEU B 153 -7.75 -8.40 -42.81
CA LEU B 153 -6.82 -7.88 -43.81
C LEU B 153 -5.78 -8.93 -44.20
N TYR B 154 -5.14 -8.70 -45.35
CA TYR B 154 -4.14 -9.62 -45.88
C TYR B 154 -2.70 -9.13 -45.65
N THR B 155 -1.78 -10.06 -45.41
CA THR B 155 -0.37 -9.72 -45.20
C THR B 155 0.27 -9.05 -46.39
N SER B 156 -0.06 -9.53 -47.59
CA SER B 156 0.50 -8.96 -48.81
C SER B 156 -0.41 -9.39 -49.94
N LYS B 157 -0.02 -9.06 -51.17
CA LYS B 157 -0.86 -9.35 -52.32
C LYS B 157 -0.51 -10.66 -53.03
N ARG B 158 0.76 -11.02 -53.01
CA ARG B 158 1.18 -12.21 -53.73
C ARG B 158 0.55 -13.45 -53.10
N PRO B 159 0.24 -14.48 -53.93
CA PRO B 159 -0.41 -15.76 -53.67
C PRO B 159 -0.08 -16.50 -52.37
N ASN B 160 1.11 -16.28 -51.85
CA ASN B 160 1.48 -16.87 -50.56
C ASN B 160 0.84 -16.09 -49.40
N ALA B 161 -0.09 -15.19 -49.72
CA ALA B 161 -0.59 -14.23 -48.74
C ALA B 161 -1.47 -14.91 -47.71
N ILE B 162 -1.45 -14.36 -46.51
CA ILE B 162 -2.30 -14.89 -45.45
C ILE B 162 -3.18 -13.82 -44.83
N LEU B 163 -4.41 -14.24 -44.51
CA LEU B 163 -5.47 -13.35 -44.05
C LEU B 163 -5.51 -13.27 -42.53
N LYS B 164 -5.57 -12.07 -41.98
CA LYS B 164 -5.37 -11.89 -40.56
C LYS B 164 -6.53 -11.11 -39.95
N LEU B 165 -6.88 -11.43 -38.70
CA LEU B 165 -7.96 -10.77 -37.98
C LEU B 165 -7.36 -9.77 -37.02
N THR B 166 -8.03 -8.63 -36.86
CA THR B 166 -7.42 -7.51 -36.15
C THR B 166 -8.38 -6.85 -35.18
N ASP B 167 -7.85 -5.93 -34.37
CA ASP B 167 -8.62 -5.13 -33.42
C ASP B 167 -9.36 -5.88 -32.32
N PHE B 168 -8.86 -5.75 -31.10
CA PHE B 168 -9.48 -6.38 -29.94
C PHE B 168 -10.03 -5.31 -29.01
N GLY B 169 -10.39 -4.16 -29.57
CA GLY B 169 -11.01 -3.14 -28.77
C GLY B 169 -12.41 -3.55 -28.34
N PHE B 170 -12.92 -4.64 -28.88
CA PHE B 170 -14.18 -5.17 -28.38
C PHE B 170 -14.02 -6.52 -27.69
N ALA B 171 -12.96 -7.25 -28.03
CA ALA B 171 -12.68 -8.54 -27.40
C ALA B 171 -12.90 -8.60 -25.89
N LYS B 172 -13.54 -9.68 -25.46
CA LYS B 172 -13.88 -9.93 -24.06
C LYS B 172 -13.39 -11.31 -23.64
N GLU B 173 -12.89 -11.43 -22.41
CA GLU B 173 -12.43 -12.70 -21.84
C GLU B 173 -13.61 -13.49 -21.28
N THR B 174 -13.92 -14.65 -21.85
CA THR B 174 -15.23 -15.25 -21.63
C THR B 174 -15.41 -15.99 -20.32
N THR B 175 -14.33 -16.41 -19.67
CA THR B 175 -14.48 -17.02 -18.35
C THR B 175 -14.92 -16.00 -17.32
N PRO B 187 -12.04 -33.73 -13.13
CA PRO B 187 -12.33 -35.11 -13.56
C PRO B 187 -12.48 -35.23 -15.08
N TYR B 188 -12.16 -36.40 -15.61
CA TYR B 188 -12.20 -36.66 -17.04
C TYR B 188 -13.64 -36.65 -17.61
N TYR B 189 -14.62 -36.59 -16.71
CA TYR B 189 -16.03 -36.76 -17.06
C TYR B 189 -16.90 -35.60 -16.54
N VAL B 190 -16.25 -34.50 -16.16
CA VAL B 190 -16.94 -33.28 -15.73
C VAL B 190 -17.57 -32.59 -16.94
N ALA B 191 -18.70 -31.92 -16.71
CA ALA B 191 -19.42 -31.27 -17.80
C ALA B 191 -18.80 -29.92 -18.03
N PRO B 192 -18.88 -29.42 -19.27
CA PRO B 192 -18.29 -28.13 -19.61
C PRO B 192 -18.90 -26.97 -18.85
N GLU B 193 -20.14 -27.15 -18.41
CA GLU B 193 -20.92 -26.10 -17.78
C GLU B 193 -20.50 -25.91 -16.33
N VAL B 194 -19.89 -26.94 -15.77
CA VAL B 194 -19.38 -26.85 -14.40
C VAL B 194 -17.96 -26.28 -14.43
N LEU B 195 -17.26 -26.45 -15.55
CA LEU B 195 -15.97 -25.81 -15.78
C LEU B 195 -16.15 -24.31 -16.05
N GLY B 196 -16.86 -23.64 -15.15
CA GLY B 196 -17.18 -22.23 -15.37
C GLY B 196 -18.38 -22.04 -16.29
N PRO B 197 -19.34 -21.21 -15.86
CA PRO B 197 -20.63 -20.98 -16.54
C PRO B 197 -20.50 -20.37 -17.95
N GLU B 198 -20.02 -19.12 -18.00
CA GLU B 198 -19.74 -18.41 -19.24
C GLU B 198 -21.01 -18.06 -20.04
N LYS B 199 -21.31 -16.76 -20.15
CA LYS B 199 -22.44 -16.28 -20.95
C LYS B 199 -22.46 -16.83 -22.38
N TYR B 200 -22.68 -15.98 -23.38
CA TYR B 200 -22.57 -16.47 -24.75
C TYR B 200 -21.98 -15.44 -25.72
N ASP B 201 -20.84 -14.87 -25.33
CA ASP B 201 -20.11 -13.96 -26.20
C ASP B 201 -19.55 -14.70 -27.39
N LYS B 202 -18.92 -15.84 -27.16
CA LYS B 202 -18.41 -16.68 -28.24
C LYS B 202 -19.45 -16.87 -29.34
N SER B 203 -20.70 -17.06 -28.93
CA SER B 203 -21.81 -17.37 -29.83
C SER B 203 -22.06 -16.32 -30.92
N CYS B 204 -21.67 -15.09 -30.67
CA CYS B 204 -21.89 -14.03 -31.65
C CYS B 204 -20.65 -13.79 -32.52
N ASP B 205 -19.62 -14.62 -32.35
CA ASP B 205 -18.60 -14.75 -33.36
C ASP B 205 -19.12 -15.78 -34.36
N MET B 206 -19.55 -16.93 -33.87
CA MET B 206 -20.14 -17.88 -34.80
C MET B 206 -21.28 -17.30 -35.65
N TRP B 207 -21.89 -16.20 -35.21
CA TRP B 207 -22.88 -15.52 -36.05
C TRP B 207 -22.18 -14.70 -37.15
N SER B 208 -21.27 -13.82 -36.74
CA SER B 208 -20.50 -13.02 -37.66
C SER B 208 -19.85 -13.90 -38.69
N LEU B 209 -19.33 -15.04 -38.24
CA LEU B 209 -18.71 -16.01 -39.13
C LEU B 209 -19.70 -16.44 -40.23
N GLY B 210 -20.99 -16.45 -39.91
CA GLY B 210 -22.00 -16.76 -40.92
C GLY B 210 -22.44 -15.58 -41.76
N VAL B 211 -22.40 -14.37 -41.20
CA VAL B 211 -22.59 -13.20 -42.02
C VAL B 211 -21.51 -13.14 -43.10
N ILE B 212 -20.25 -13.25 -42.69
CA ILE B 212 -19.19 -13.18 -43.68
C ILE B 212 -19.20 -14.35 -44.67
N MET B 213 -19.48 -15.56 -44.20
CA MET B 213 -19.60 -16.67 -45.14
C MET B 213 -20.65 -16.32 -46.19
N TYR B 214 -21.84 -15.93 -45.76
CA TYR B 214 -22.93 -15.59 -46.68
C TYR B 214 -22.50 -14.57 -47.73
N ILE B 215 -21.83 -13.50 -47.31
CA ILE B 215 -21.41 -12.47 -48.25
C ILE B 215 -20.39 -13.02 -49.21
N LEU B 216 -19.41 -13.73 -48.67
CA LEU B 216 -18.37 -14.34 -49.48
C LEU B 216 -18.93 -15.15 -50.64
N LEU B 217 -20.18 -15.59 -50.56
CA LEU B 217 -20.71 -16.48 -51.58
C LEU B 217 -21.56 -15.80 -52.65
N CYS B 218 -22.01 -14.57 -52.41
CA CYS B 218 -22.95 -13.97 -53.35
C CYS B 218 -22.67 -12.50 -53.58
N GLY B 219 -22.00 -11.85 -52.64
CA GLY B 219 -21.66 -10.46 -52.85
C GLY B 219 -22.46 -9.46 -52.02
N TYR B 220 -23.63 -9.85 -51.54
CA TYR B 220 -24.36 -9.00 -50.60
C TYR B 220 -24.56 -9.75 -49.30
N PRO B 221 -24.93 -9.03 -48.23
CA PRO B 221 -25.16 -9.58 -46.91
C PRO B 221 -26.51 -10.26 -46.80
N PRO B 222 -26.73 -10.97 -45.69
CA PRO B 222 -27.98 -11.65 -45.40
C PRO B 222 -29.10 -10.70 -44.96
N PHE B 223 -28.73 -9.59 -44.31
CA PHE B 223 -29.73 -8.66 -43.79
C PHE B 223 -29.42 -7.21 -44.16
N TYR B 224 -30.39 -6.52 -44.75
CA TYR B 224 -30.25 -5.11 -45.11
C TYR B 224 -31.62 -4.46 -45.31
N SER B 225 -31.66 -3.25 -45.88
CA SER B 225 -32.91 -2.48 -46.01
C SER B 225 -33.69 -2.71 -47.31
N GLY B 234 -37.02 -1.97 -39.05
CA GLY B 234 -37.16 -2.42 -40.41
C GLY B 234 -36.24 -3.59 -40.77
N MET B 235 -34.94 -3.31 -40.81
CA MET B 235 -33.94 -4.35 -41.07
C MET B 235 -33.65 -5.17 -39.81
N LYS B 236 -33.62 -4.51 -38.66
CA LYS B 236 -33.43 -5.20 -37.37
C LYS B 236 -34.39 -6.38 -37.19
N THR B 237 -35.62 -6.20 -37.67
CA THR B 237 -36.69 -7.19 -37.51
C THR B 237 -36.37 -8.46 -38.27
N ARG B 238 -35.97 -8.31 -39.53
CA ARG B 238 -35.49 -9.46 -40.27
C ARG B 238 -34.36 -10.15 -39.51
N ILE B 239 -33.54 -9.38 -38.80
CA ILE B 239 -32.43 -9.97 -38.04
C ILE B 239 -32.92 -10.77 -36.85
N ARG B 240 -33.75 -10.15 -36.01
CA ARG B 240 -34.26 -10.86 -34.85
C ARG B 240 -35.15 -12.01 -35.29
N MET B 241 -36.01 -11.76 -36.27
CA MET B 241 -36.85 -12.82 -36.80
C MET B 241 -36.01 -13.91 -37.45
N GLY B 242 -34.88 -13.50 -38.01
CA GLY B 242 -34.07 -14.40 -38.80
C GLY B 242 -34.62 -14.60 -40.20
N GLN B 243 -35.05 -13.51 -40.84
CA GLN B 243 -35.51 -13.57 -42.24
C GLN B 243 -34.44 -13.23 -43.28
N TYR B 244 -33.98 -14.27 -43.96
CA TYR B 244 -33.13 -14.10 -45.14
C TYR B 244 -33.43 -15.27 -46.09
N GLU B 245 -33.07 -15.13 -47.36
CA GLU B 245 -33.21 -16.27 -48.24
C GLU B 245 -31.95 -16.41 -49.08
N PHE B 246 -31.94 -17.39 -49.97
CA PHE B 246 -30.79 -17.58 -50.82
C PHE B 246 -31.19 -17.29 -52.27
N PRO B 247 -31.29 -16.00 -52.64
CA PRO B 247 -31.74 -15.53 -53.95
C PRO B 247 -30.98 -16.12 -55.14
N ASN B 248 -31.65 -16.19 -56.28
CA ASN B 248 -30.97 -16.45 -57.56
C ASN B 248 -30.67 -15.12 -58.28
N PRO B 249 -29.72 -15.15 -59.22
CA PRO B 249 -28.92 -16.33 -59.55
C PRO B 249 -27.85 -16.59 -58.50
N GLU B 250 -27.52 -15.57 -57.73
CA GLU B 250 -26.41 -15.64 -56.80
C GLU B 250 -26.21 -17.05 -56.22
N TRP B 251 -27.30 -17.67 -55.79
CA TRP B 251 -27.20 -18.88 -54.97
C TRP B 251 -27.56 -20.16 -55.69
N SER B 252 -27.98 -20.00 -56.95
CA SER B 252 -28.52 -21.08 -57.78
C SER B 252 -27.61 -22.31 -57.84
N GLU B 253 -26.32 -22.07 -58.00
CA GLU B 253 -25.37 -23.17 -58.14
C GLU B 253 -24.56 -23.40 -56.85
N VAL B 254 -24.92 -22.65 -55.81
CA VAL B 254 -24.30 -22.82 -54.49
C VAL B 254 -24.87 -24.07 -53.86
N SER B 255 -24.00 -24.89 -53.29
CA SER B 255 -24.38 -26.20 -52.75
C SER B 255 -25.47 -26.04 -51.71
N GLU B 256 -26.37 -27.01 -51.61
CA GLU B 256 -27.30 -27.02 -50.49
C GLU B 256 -26.58 -27.50 -49.23
N GLU B 257 -25.27 -27.70 -49.34
CA GLU B 257 -24.48 -28.07 -48.18
C GLU B 257 -23.94 -26.84 -47.45
N VAL B 258 -23.82 -25.74 -48.19
CA VAL B 258 -23.31 -24.51 -47.62
C VAL B 258 -24.48 -23.64 -47.17
N LYS B 259 -25.57 -23.71 -47.93
CA LYS B 259 -26.79 -23.03 -47.53
C LYS B 259 -27.15 -23.60 -46.17
N MET B 260 -27.04 -24.93 -46.06
CA MET B 260 -27.28 -25.62 -44.82
C MET B 260 -26.34 -25.13 -43.72
N LEU B 261 -25.04 -25.09 -44.02
CA LEU B 261 -24.04 -24.67 -43.04
C LEU B 261 -24.33 -23.24 -42.59
N ILE B 262 -24.49 -22.35 -43.56
CA ILE B 262 -24.82 -20.95 -43.25
C ILE B 262 -26.00 -20.85 -42.31
N ARG B 263 -27.01 -21.69 -42.53
CA ARG B 263 -28.20 -21.75 -41.69
C ARG B 263 -27.92 -22.08 -40.22
N ASN B 264 -26.84 -22.78 -39.92
CA ASN B 264 -26.57 -23.12 -38.52
C ASN B 264 -25.85 -22.02 -37.76
N LEU B 265 -25.23 -21.11 -38.51
CA LEU B 265 -24.49 -20.04 -37.90
C LEU B 265 -25.43 -18.86 -37.69
N LEU B 266 -26.35 -18.68 -38.64
CA LEU B 266 -27.26 -17.54 -38.62
C LEU B 266 -28.51 -17.76 -37.77
N LYS B 267 -28.46 -18.71 -36.86
CA LYS B 267 -29.54 -18.95 -35.90
C LYS B 267 -29.80 -17.79 -34.97
N THR B 268 -31.08 -17.50 -34.79
CA THR B 268 -31.57 -16.52 -33.84
C THR B 268 -31.17 -16.83 -32.40
N GLU B 269 -31.27 -18.10 -32.02
CA GLU B 269 -30.94 -18.52 -30.66
C GLU B 269 -29.43 -18.82 -30.55
N PRO B 270 -28.71 -18.05 -29.72
CA PRO B 270 -27.26 -18.28 -29.61
C PRO B 270 -26.91 -19.74 -29.26
N THR B 271 -27.67 -20.32 -28.35
CA THR B 271 -27.43 -21.67 -27.85
C THR B 271 -27.75 -22.69 -28.93
N GLN B 272 -28.00 -22.22 -30.15
CA GLN B 272 -28.35 -23.14 -31.22
C GLN B 272 -27.34 -23.19 -32.38
N ARG B 273 -26.46 -22.19 -32.43
CA ARG B 273 -25.46 -22.10 -33.49
C ARG B 273 -24.40 -23.10 -33.19
N MET B 274 -23.66 -23.53 -34.20
CA MET B 274 -22.62 -24.51 -33.96
C MET B 274 -21.47 -23.83 -33.27
N THR B 275 -20.72 -24.61 -32.47
CA THR B 275 -19.47 -24.17 -31.89
C THR B 275 -18.38 -24.09 -32.97
N ILE B 276 -17.30 -23.35 -32.70
CA ILE B 276 -16.22 -23.22 -33.68
C ILE B 276 -15.62 -24.59 -34.00
N THR B 277 -15.44 -25.41 -32.96
CA THR B 277 -14.99 -26.79 -33.13
C THR B 277 -15.82 -27.54 -34.18
N GLU B 278 -17.11 -27.25 -34.26
CA GLU B 278 -17.97 -28.03 -35.15
C GLU B 278 -17.86 -27.44 -36.54
N PHE B 279 -17.57 -26.14 -36.59
CA PHE B 279 -17.45 -25.44 -37.84
C PHE B 279 -16.18 -25.92 -38.54
N MET B 280 -15.09 -26.04 -37.78
CA MET B 280 -13.83 -26.48 -38.36
C MET B 280 -13.93 -27.93 -38.82
N ASN B 281 -14.88 -28.66 -38.27
CA ASN B 281 -15.04 -30.06 -38.61
C ASN B 281 -16.09 -30.29 -39.65
N HIS B 282 -16.76 -29.23 -40.05
CA HIS B 282 -17.78 -29.41 -41.05
C HIS B 282 -16.99 -29.62 -42.32
N PRO B 283 -17.41 -30.57 -43.15
CA PRO B 283 -16.71 -31.05 -44.34
C PRO B 283 -16.57 -30.01 -45.45
N TRP B 284 -17.30 -28.92 -45.34
CA TRP B 284 -17.17 -27.88 -46.33
C TRP B 284 -15.97 -27.02 -45.99
N ILE B 285 -15.70 -26.90 -44.69
CA ILE B 285 -14.49 -26.22 -44.23
C ILE B 285 -13.34 -27.20 -44.10
N MET B 286 -13.68 -28.45 -43.79
CA MET B 286 -12.70 -29.45 -43.41
C MET B 286 -11.86 -29.90 -44.59
N GLN B 287 -12.52 -30.15 -45.72
CA GLN B 287 -11.86 -30.61 -46.93
C GLN B 287 -12.19 -29.66 -48.06
N SER B 288 -11.53 -28.51 -48.08
CA SER B 288 -11.85 -27.48 -49.05
C SER B 288 -11.45 -28.02 -50.40
N THR B 289 -10.39 -28.82 -50.43
CA THR B 289 -9.90 -29.40 -51.67
C THR B 289 -10.88 -30.45 -52.20
N LYS B 290 -12.07 -30.49 -51.60
CA LYS B 290 -13.16 -31.38 -52.02
C LYS B 290 -14.41 -30.60 -52.45
N VAL B 291 -14.57 -29.39 -51.92
CA VAL B 291 -15.74 -28.62 -52.26
C VAL B 291 -15.54 -28.21 -53.70
N PRO B 292 -16.63 -28.18 -54.47
CA PRO B 292 -16.59 -27.89 -55.91
C PRO B 292 -15.87 -26.58 -56.27
N GLN B 293 -15.35 -26.55 -57.48
CA GLN B 293 -14.68 -25.36 -58.00
C GLN B 293 -15.71 -24.41 -58.62
N THR B 294 -17.00 -24.68 -58.35
CA THR B 294 -18.09 -23.91 -58.93
C THR B 294 -17.90 -22.39 -58.81
N PRO B 295 -18.14 -21.65 -59.92
CA PRO B 295 -17.95 -20.19 -59.89
C PRO B 295 -19.06 -19.41 -59.19
N LEU B 296 -18.68 -18.26 -58.62
CA LEU B 296 -19.57 -17.45 -57.78
C LEU B 296 -19.73 -16.07 -58.36
N HIS B 297 -20.86 -15.44 -58.06
CA HIS B 297 -21.14 -14.11 -58.59
C HIS B 297 -20.49 -12.98 -57.77
N THR B 298 -19.42 -13.29 -57.04
CA THR B 298 -19.04 -12.45 -55.93
C THR B 298 -18.27 -11.19 -56.32
N SER B 299 -17.31 -11.32 -57.23
CA SER B 299 -16.54 -10.16 -57.71
C SER B 299 -17.45 -9.25 -58.51
N ARG B 300 -18.35 -9.88 -59.29
CA ARG B 300 -19.30 -9.20 -60.17
C ARG B 300 -20.21 -8.28 -59.38
N VAL B 301 -20.95 -8.90 -58.45
CA VAL B 301 -21.92 -8.25 -57.57
C VAL B 301 -21.28 -7.17 -56.74
N LEU B 302 -20.17 -7.51 -56.10
CA LEU B 302 -19.36 -6.56 -55.34
C LEU B 302 -18.96 -5.44 -56.28
N LYS B 303 -18.58 -5.80 -57.50
CA LYS B 303 -18.17 -4.85 -58.52
C LYS B 303 -19.32 -3.94 -58.96
N GLU B 304 -20.47 -4.54 -59.30
CA GLU B 304 -21.67 -3.75 -59.63
C GLU B 304 -22.07 -2.95 -58.40
N ASP B 305 -21.46 -3.29 -57.27
CA ASP B 305 -21.73 -2.62 -56.01
C ASP B 305 -23.13 -2.99 -55.50
N GLN C 2 6.32 13.85 -38.51
CA GLN C 2 5.98 15.29 -38.73
C GLN C 2 5.20 15.84 -37.53
N PHE C 3 4.69 14.93 -36.70
CA PHE C 3 3.81 15.31 -35.60
C PHE C 3 4.49 15.24 -34.25
N PRO C 4 3.81 15.67 -33.17
CA PRO C 4 4.45 15.92 -31.88
C PRO C 4 5.30 14.79 -31.30
N GLN C 5 6.26 14.34 -32.09
CA GLN C 5 7.27 13.40 -31.63
C GLN C 5 8.00 13.99 -30.43
N PHE C 6 7.97 15.32 -30.33
CA PHE C 6 8.55 16.03 -29.19
C PHE C 6 7.58 16.04 -28.01
N HIS C 7 6.30 15.87 -28.29
CA HIS C 7 5.30 15.70 -27.24
C HIS C 7 5.06 14.20 -26.93
N VAL C 8 6.10 13.40 -27.16
CA VAL C 8 6.10 11.97 -26.83
C VAL C 8 7.29 11.60 -25.95
N LYS C 9 7.10 11.75 -24.63
CA LYS C 9 8.13 11.46 -23.64
C LYS C 9 7.95 10.01 -23.13
N SER C 10 9.05 9.35 -22.77
CA SER C 10 9.00 7.96 -22.30
C SER C 10 8.27 7.85 -20.97
N GLY C 11 7.60 6.72 -20.75
CA GLY C 11 6.92 6.49 -19.50
C GLY C 11 7.83 5.84 -18.49
N LEU C 12 7.50 5.94 -17.21
CA LEU C 12 8.44 5.61 -16.14
C LEU C 12 8.70 4.11 -15.94
N GLN C 13 9.98 3.71 -15.98
CA GLN C 13 10.38 2.37 -15.53
C GLN C 13 10.90 2.35 -14.10
N ILE C 14 10.08 1.84 -13.20
CA ILE C 14 10.50 1.59 -11.83
C ILE C 14 11.56 0.48 -11.70
N LYS C 15 12.77 0.88 -11.34
CA LYS C 15 13.88 -0.06 -11.07
C LYS C 15 13.64 -0.85 -9.78
N LYS C 16 14.01 -2.13 -9.81
CA LYS C 16 13.78 -2.99 -8.67
C LYS C 16 15.09 -3.36 -7.96
N ASN C 17 16.22 -3.16 -8.63
CA ASN C 17 17.52 -3.55 -8.04
C ASN C 17 17.78 -2.77 -6.76
N ALA C 18 18.66 -3.27 -5.92
CA ALA C 18 18.97 -2.54 -4.69
C ALA C 18 19.41 -1.12 -5.05
N ILE C 19 18.80 -0.12 -4.42
CA ILE C 19 19.12 1.24 -4.78
C ILE C 19 20.56 1.58 -4.39
N ILE C 20 21.07 0.87 -3.39
CA ILE C 20 22.42 1.14 -2.89
C ILE C 20 23.48 0.56 -3.78
N ASP C 21 23.11 -0.36 -4.66
CA ASP C 21 23.97 -0.65 -5.80
C ASP C 21 24.44 0.64 -6.44
N ASP C 22 23.60 1.67 -6.42
CA ASP C 22 23.76 2.80 -7.34
C ASP C 22 24.03 4.12 -6.62
N TYR C 23 23.69 4.17 -5.34
CA TYR C 23 23.83 5.40 -4.59
C TYR C 23 24.47 5.18 -3.21
N LYS C 24 25.15 6.19 -2.69
CA LYS C 24 25.47 6.22 -1.27
C LYS C 24 24.31 6.92 -0.55
N VAL C 25 23.55 6.14 0.21
CA VAL C 25 22.42 6.69 0.93
C VAL C 25 22.83 7.15 2.34
N THR C 26 23.12 8.44 2.45
CA THR C 26 23.58 8.93 3.74
C THR C 26 22.41 8.97 4.72
N SER C 27 22.73 9.09 6.00
CA SER C 27 21.74 9.23 7.06
C SER C 27 21.25 10.66 7.16
N GLN C 28 21.63 11.48 6.18
CA GLN C 28 21.46 12.93 6.28
C GLN C 28 20.13 13.44 5.74
N VAL C 29 19.22 13.76 6.65
CA VAL C 29 17.89 14.27 6.32
C VAL C 29 17.88 15.69 5.71
N LEU C 30 16.94 15.95 4.80
CA LEU C 30 16.77 17.26 4.18
C LEU C 30 15.49 17.96 4.64
N GLY C 31 14.43 17.19 4.83
CA GLY C 31 13.17 17.74 5.33
C GLY C 31 12.15 16.70 5.79
N LEU C 32 10.87 17.02 5.65
CA LEU C 32 9.81 16.05 5.90
C LEU C 32 8.63 16.13 4.93
N GLY C 33 8.83 15.68 3.69
CA GLY C 33 7.77 15.72 2.70
C GLY C 33 6.50 15.01 3.13
N ILE C 34 5.41 15.23 2.44
CA ILE C 34 4.13 14.65 2.84
C ILE C 34 4.21 13.13 2.70
N ASN C 35 4.04 12.41 3.81
CA ASN C 35 4.08 10.95 3.80
C ASN C 35 5.43 10.43 3.35
N GLY C 36 6.48 11.18 3.66
CA GLY C 36 7.82 10.74 3.30
C GLY C 36 8.90 11.64 3.89
N LYS C 37 10.12 11.12 3.96
CA LYS C 37 11.26 11.91 4.44
C LYS C 37 12.20 12.08 3.26
N VAL C 38 13.01 13.12 3.26
CA VAL C 38 13.93 13.31 2.15
C VAL C 38 15.39 13.31 2.62
N LEU C 39 16.15 12.30 2.21
CA LEU C 39 17.54 12.18 2.61
C LEU C 39 18.42 12.77 1.52
N GLN C 40 19.65 13.13 1.88
CA GLN C 40 20.65 13.46 0.87
C GLN C 40 21.45 12.21 0.50
N ILE C 41 21.45 11.88 -0.78
CA ILE C 41 22.17 10.72 -1.26
C ILE C 41 23.22 11.11 -2.30
N PHE C 42 24.29 10.33 -2.37
CA PHE C 42 25.36 10.59 -3.32
C PHE C 42 25.42 9.52 -4.39
N ASN C 43 25.32 9.95 -5.64
CA ASN C 43 25.42 9.02 -6.75
C ASN C 43 26.80 8.39 -6.79
N LYS C 44 26.96 7.19 -6.22
CA LYS C 44 28.27 6.56 -6.12
C LYS C 44 29.32 6.91 -7.19
N ARG C 45 29.00 6.75 -8.47
CA ARG C 45 29.95 7.11 -9.52
C ARG C 45 30.28 8.60 -9.56
N THR C 46 29.36 9.41 -10.07
CA THR C 46 29.61 10.85 -10.23
C THR C 46 29.69 11.61 -8.90
N GLN C 47 29.55 10.89 -7.78
CA GLN C 47 29.67 11.51 -6.46
C GLN C 47 28.72 12.68 -6.24
N GLU C 48 27.81 12.87 -7.18
CA GLU C 48 26.81 13.94 -7.10
C GLU C 48 25.78 13.82 -5.98
N LYS C 49 25.07 14.92 -5.71
CA LYS C 49 24.20 15.01 -4.54
C LYS C 49 22.71 15.08 -4.86
N PHE C 50 21.99 14.00 -4.59
CA PHE C 50 20.59 13.90 -4.97
C PHE C 50 19.64 13.85 -3.78
N ALA C 51 18.35 14.01 -4.07
CA ALA C 51 17.35 13.95 -3.03
C ALA C 51 16.61 12.61 -3.12
N LEU C 52 16.08 12.18 -1.99
CA LEU C 52 15.46 10.86 -1.89
C LEU C 52 14.26 10.96 -0.97
N LYS C 53 13.06 10.83 -1.53
CA LYS C 53 11.85 10.81 -0.71
C LYS C 53 11.43 9.36 -0.57
N MET C 54 11.15 8.92 0.65
CA MET C 54 10.78 7.53 0.91
C MET C 54 9.31 7.38 1.29
N LEU C 55 8.59 6.55 0.56
CA LEU C 55 7.19 6.26 0.86
C LEU C 55 6.97 4.76 0.99
N GLN C 56 6.23 4.36 2.02
CA GLN C 56 5.70 3.00 2.08
C GLN C 56 4.82 2.79 0.85
N ASP C 57 5.16 1.80 0.04
CA ASP C 57 4.49 1.59 -1.24
C ASP C 57 3.03 1.23 -1.01
N CYS C 58 2.20 2.23 -0.78
CA CYS C 58 0.76 2.01 -0.72
C CYS C 58 0.13 2.59 -1.98
N PRO C 59 -1.19 2.80 -1.98
CA PRO C 59 -1.76 3.54 -3.13
C PRO C 59 -1.25 4.97 -3.23
N LYS C 60 -1.60 5.79 -2.24
CA LYS C 60 -1.11 7.18 -2.16
C LYS C 60 0.30 7.31 -2.71
N ALA C 61 1.18 6.41 -2.26
CA ALA C 61 2.56 6.35 -2.74
C ALA C 61 2.59 6.15 -4.24
N ARG C 62 1.97 5.07 -4.72
CA ARG C 62 1.98 4.79 -6.14
C ARG C 62 1.33 5.92 -6.91
N ARG C 63 0.33 6.55 -6.30
CA ARG C 63 -0.45 7.62 -6.94
C ARG C 63 0.44 8.83 -7.13
N GLU C 64 1.03 9.28 -6.03
CA GLU C 64 1.95 10.39 -5.99
C GLU C 64 3.09 10.24 -6.98
N VAL C 65 3.74 9.08 -6.97
CA VAL C 65 4.86 8.80 -7.86
C VAL C 65 4.50 8.97 -9.33
N GLU C 66 3.33 8.47 -9.75
CA GLU C 66 2.96 8.51 -11.16
C GLU C 66 2.49 9.91 -11.56
N LEU C 67 1.87 10.63 -10.63
CA LEU C 67 1.38 11.97 -10.93
C LEU C 67 2.57 12.93 -11.05
N HIS C 68 3.57 12.72 -10.19
CA HIS C 68 4.77 13.54 -10.16
C HIS C 68 5.49 13.35 -11.48
N TRP C 69 5.76 12.10 -11.82
CA TRP C 69 6.43 11.76 -13.07
C TRP C 69 5.84 12.46 -14.32
N ARG C 70 4.51 12.54 -14.38
CA ARG C 70 3.82 13.19 -15.49
C ARG C 70 4.06 14.70 -15.49
N ALA C 71 4.21 15.24 -14.29
CA ALA C 71 4.43 16.66 -14.08
C ALA C 71 5.92 17.01 -14.21
N SER C 72 6.75 15.98 -14.14
CA SER C 72 8.19 16.15 -14.07
C SER C 72 8.71 16.64 -15.41
N GLN C 73 7.93 16.45 -16.47
CA GLN C 73 8.38 16.85 -17.79
C GLN C 73 8.52 18.39 -17.87
N CYS C 74 8.02 19.06 -16.85
CA CYS C 74 8.07 20.53 -16.78
C CYS C 74 9.27 21.05 -15.99
N PRO C 75 9.88 22.15 -16.48
CA PRO C 75 11.08 22.77 -15.89
C PRO C 75 10.85 23.30 -14.47
N HIS C 76 9.68 23.88 -14.24
CA HIS C 76 9.39 24.47 -12.94
C HIS C 76 8.90 23.49 -11.90
N ILE C 77 8.93 22.20 -12.24
CA ILE C 77 8.61 21.12 -11.32
C ILE C 77 9.92 20.36 -11.03
N VAL C 78 10.24 20.11 -9.76
CA VAL C 78 11.50 19.43 -9.51
C VAL C 78 11.58 18.09 -10.23
N ARG C 79 12.72 17.85 -10.84
CA ARG C 79 12.90 16.72 -11.75
C ARG C 79 13.07 15.39 -11.02
N ILE C 80 12.53 14.33 -11.62
CA ILE C 80 12.66 13.00 -11.06
C ILE C 80 13.67 12.22 -11.88
N VAL C 81 14.61 11.60 -11.19
CA VAL C 81 15.79 11.00 -11.80
C VAL C 81 15.58 9.50 -11.97
N ASP C 82 15.26 8.84 -10.87
CA ASP C 82 14.92 7.43 -10.89
C ASP C 82 13.81 7.16 -9.87
N VAL C 83 13.11 6.05 -10.04
CA VAL C 83 12.21 5.58 -9.01
C VAL C 83 12.48 4.10 -8.75
N TYR C 84 12.62 3.71 -7.48
CA TYR C 84 13.03 2.35 -7.12
C TYR C 84 12.01 1.62 -6.26
N GLU C 85 11.67 0.39 -6.65
CA GLU C 85 10.88 -0.45 -5.76
C GLU C 85 11.83 -1.41 -5.09
N ASN C 86 12.10 -1.15 -3.82
CA ASN C 86 13.02 -1.95 -3.03
C ASN C 86 12.29 -2.46 -1.79
N LEU C 87 12.86 -3.46 -1.12
CA LEU C 87 12.37 -3.89 0.19
C LEU C 87 13.12 -3.16 1.32
N TYR C 88 12.41 -2.37 2.13
CA TYR C 88 13.07 -1.70 3.25
C TYR C 88 12.85 -2.45 4.55
N ALA C 89 13.81 -3.34 4.84
CA ALA C 89 13.81 -4.21 6.01
C ALA C 89 12.43 -4.82 6.17
N GLY C 90 12.08 -5.73 5.27
CA GLY C 90 10.80 -6.39 5.35
C GLY C 90 9.72 -5.74 4.50
N ARG C 91 9.57 -4.42 4.60
CA ARG C 91 8.52 -3.67 3.91
C ARG C 91 8.88 -3.38 2.45
N LYS C 92 7.85 -3.24 1.61
CA LYS C 92 8.04 -2.96 0.19
C LYS C 92 7.86 -1.47 -0.06
N CYS C 93 8.96 -0.74 -0.22
CA CYS C 93 8.88 0.72 -0.29
C CYS C 93 9.17 1.27 -1.69
N LEU C 94 8.61 2.45 -1.96
CA LEU C 94 8.76 3.12 -3.24
C LEU C 94 9.70 4.32 -3.04
N LEU C 95 10.78 4.39 -3.81
CA LEU C 95 11.82 5.41 -3.56
C LEU C 95 12.05 6.34 -4.74
N ILE C 96 11.88 7.64 -4.49
CA ILE C 96 11.98 8.65 -5.55
C ILE C 96 13.31 9.36 -5.41
N VAL C 97 14.16 9.24 -6.42
CA VAL C 97 15.39 10.02 -6.46
C VAL C 97 15.16 11.30 -7.28
N MET C 98 15.07 12.42 -6.59
CA MET C 98 14.84 13.67 -7.29
C MET C 98 16.12 14.50 -7.34
N GLU C 99 16.26 15.27 -8.40
CA GLU C 99 17.32 16.26 -8.49
C GLU C 99 17.38 17.09 -7.21
N CYS C 100 18.57 17.61 -6.91
CA CYS C 100 18.77 18.43 -5.72
C CYS C 100 18.50 19.92 -6.01
N LEU C 101 17.90 20.59 -5.03
CA LEU C 101 17.62 22.02 -5.11
C LEU C 101 18.13 22.63 -3.81
N ASP C 102 19.28 23.28 -3.86
CA ASP C 102 19.92 23.73 -2.62
C ASP C 102 20.10 25.24 -2.62
N GLY C 103 19.40 25.90 -3.53
CA GLY C 103 19.37 27.35 -3.54
C GLY C 103 18.40 27.94 -2.54
N GLY C 104 17.75 27.11 -1.73
CA GLY C 104 16.89 27.60 -0.66
C GLY C 104 15.41 27.79 -0.98
N GLU C 105 14.58 27.93 0.05
CA GLU C 105 13.14 28.08 -0.17
C GLU C 105 12.82 29.53 -0.54
N LEU C 106 11.87 29.73 -1.44
CA LEU C 106 11.58 31.07 -1.97
C LEU C 106 11.73 32.21 -0.96
N PHE C 107 11.13 32.10 0.21
CA PHE C 107 11.08 33.26 1.10
C PHE C 107 12.37 33.53 1.86
N SER C 108 13.31 32.59 1.81
CA SER C 108 14.66 32.84 2.30
C SER C 108 15.38 33.74 1.31
N ARG C 109 15.63 33.18 0.13
CA ARG C 109 16.43 33.83 -0.92
C ARG C 109 16.00 35.26 -1.20
N ILE C 110 14.84 35.64 -0.69
CA ILE C 110 14.37 37.02 -0.85
C ILE C 110 14.91 37.92 0.26
N GLN C 111 14.87 37.45 1.50
CA GLN C 111 15.29 38.29 2.63
C GLN C 111 16.80 38.51 2.64
N ASP C 112 17.50 37.76 1.78
CA ASP C 112 18.93 37.96 1.57
C ASP C 112 19.20 38.55 0.22
N ARG C 113 18.16 39.07 -0.43
CA ARG C 113 18.36 39.76 -1.69
C ARG C 113 19.21 40.97 -1.31
N GLY C 114 20.19 41.29 -2.15
CA GLY C 114 21.16 42.31 -1.80
C GLY C 114 20.55 43.61 -1.34
N ASP C 115 20.95 44.06 -0.15
CA ASP C 115 20.46 45.30 0.44
C ASP C 115 19.05 45.16 1.00
N GLN C 116 18.55 43.92 1.05
CA GLN C 116 17.18 43.65 1.47
C GLN C 116 16.21 44.33 0.50
N ALA C 117 16.53 44.25 -0.80
CA ALA C 117 15.82 45.00 -1.84
C ALA C 117 15.09 44.06 -2.81
N PHE C 118 13.90 44.45 -3.26
CA PHE C 118 13.03 43.57 -4.05
C PHE C 118 11.88 44.39 -4.66
N THR C 119 11.81 44.44 -5.99
CA THR C 119 10.77 45.25 -6.65
C THR C 119 9.59 44.50 -7.25
N GLU C 120 8.44 45.18 -7.28
CA GLU C 120 7.25 44.68 -7.95
C GLU C 120 7.57 43.87 -9.21
N ARG C 121 8.47 44.37 -10.03
CA ARG C 121 8.77 43.62 -11.24
C ARG C 121 9.47 42.30 -10.95
N GLU C 122 10.21 42.20 -9.85
CA GLU C 122 10.77 40.92 -9.45
C GLU C 122 9.65 40.02 -8.94
N ALA C 123 8.80 40.60 -8.09
CA ALA C 123 7.60 39.93 -7.62
C ALA C 123 6.85 39.32 -8.80
N SER C 124 6.51 40.13 -9.80
CA SER C 124 5.87 39.57 -10.98
C SER C 124 6.68 38.40 -11.52
N GLU C 125 7.86 38.66 -12.02
CA GLU C 125 8.64 37.59 -12.63
C GLU C 125 8.61 36.29 -11.85
N ILE C 126 8.68 36.35 -10.52
CA ILE C 126 8.56 35.14 -9.70
C ILE C 126 7.21 34.45 -9.84
N MET C 127 6.12 35.18 -9.65
CA MET C 127 4.79 34.61 -9.79
C MET C 127 4.64 33.90 -11.13
N LYS C 128 5.14 34.50 -12.20
CA LYS C 128 4.99 33.91 -13.51
C LYS C 128 5.73 32.57 -13.64
N SER C 129 6.90 32.44 -13.04
CA SER C 129 7.61 31.16 -13.11
C SER C 129 6.84 30.11 -12.29
N ILE C 130 6.16 30.58 -11.25
CA ILE C 130 5.33 29.70 -10.43
C ILE C 130 4.02 29.37 -11.15
N GLY C 131 3.40 30.37 -11.76
CA GLY C 131 2.13 30.15 -12.43
C GLY C 131 2.30 29.14 -13.54
N GLU C 132 3.50 29.12 -14.11
CA GLU C 132 3.83 28.22 -15.19
C GLU C 132 3.80 26.80 -14.72
N ALA C 133 4.12 26.59 -13.46
CA ALA C 133 4.13 25.24 -12.92
C ALA C 133 2.71 24.83 -12.60
N ILE C 134 1.96 25.72 -11.98
CA ILE C 134 0.52 25.53 -11.82
C ILE C 134 -0.16 25.39 -13.18
N GLN C 135 0.33 26.09 -14.18
CA GLN C 135 -0.32 26.03 -15.48
C GLN C 135 0.00 24.77 -16.27
N TYR C 136 1.04 24.04 -15.92
CA TYR C 136 1.30 22.78 -16.62
C TYR C 136 0.50 21.64 -15.99
N LEU C 137 0.35 21.70 -14.67
CA LEU C 137 -0.30 20.65 -13.94
C LEU C 137 -1.77 20.63 -14.30
N HIS C 138 -2.43 21.78 -14.17
CA HIS C 138 -3.83 21.88 -14.56
C HIS C 138 -4.06 21.49 -16.01
N SER C 139 -3.15 21.89 -16.91
CA SER C 139 -3.31 21.54 -18.31
C SER C 139 -3.37 20.03 -18.54
N ILE C 140 -2.61 19.26 -17.77
CA ILE C 140 -2.69 17.81 -17.89
C ILE C 140 -3.56 17.23 -16.78
N ASN C 141 -4.34 18.10 -16.13
CA ASN C 141 -5.39 17.67 -15.20
C ASN C 141 -4.87 17.06 -13.93
N ILE C 142 -4.00 17.83 -13.27
CA ILE C 142 -3.49 17.51 -11.95
C ILE C 142 -3.64 18.76 -11.10
N ALA C 143 -3.92 18.58 -9.82
CA ALA C 143 -3.87 19.71 -8.95
C ALA C 143 -2.90 19.37 -7.82
N HIS C 144 -2.10 20.34 -7.41
CA HIS C 144 -1.01 20.09 -6.49
C HIS C 144 -1.58 20.09 -5.09
N ARG C 145 -2.45 21.06 -4.82
CA ARG C 145 -3.25 21.09 -3.60
C ARG C 145 -2.49 21.39 -2.33
N ASP C 146 -1.16 21.28 -2.35
CA ASP C 146 -0.38 21.81 -1.25
C ASP C 146 0.69 22.80 -1.72
N VAL C 147 0.22 23.84 -2.40
CA VAL C 147 1.08 24.86 -2.96
C VAL C 147 1.39 25.97 -1.94
N LYS C 148 2.23 25.64 -0.96
CA LYS C 148 2.70 26.59 0.03
C LYS C 148 4.11 27.10 -0.29
N PRO C 149 4.53 28.22 0.34
CA PRO C 149 5.86 28.82 0.15
C PRO C 149 7.08 27.90 0.36
N GLU C 150 6.95 26.97 1.31
CA GLU C 150 8.04 26.06 1.68
C GLU C 150 8.32 25.00 0.62
N ASN C 151 7.34 24.69 -0.22
CA ASN C 151 7.48 23.71 -1.29
C ASN C 151 8.03 24.34 -2.55
N LEU C 152 8.30 25.64 -2.49
CA LEU C 152 9.01 26.34 -3.57
C LEU C 152 10.52 26.54 -3.29
N LEU C 153 11.37 25.83 -4.03
CA LEU C 153 12.81 25.83 -3.80
C LEU C 153 13.60 26.18 -5.05
N TYR C 154 14.79 26.77 -4.87
CA TYR C 154 15.64 27.15 -5.99
C TYR C 154 16.65 26.08 -6.38
N THR C 155 17.05 26.07 -7.65
CA THR C 155 17.85 24.96 -8.14
C THR C 155 19.28 25.06 -7.62
N SER C 156 19.69 26.29 -7.32
CA SER C 156 21.02 26.63 -6.81
C SER C 156 21.00 28.04 -6.29
N LYS C 157 22.16 28.54 -5.89
CA LYS C 157 22.26 29.88 -5.35
C LYS C 157 22.73 30.93 -6.32
N ARG C 158 23.19 30.52 -7.50
CA ARG C 158 23.40 31.48 -8.56
C ARG C 158 22.08 32.22 -8.79
N PRO C 159 22.15 33.47 -9.29
CA PRO C 159 20.94 34.24 -9.59
C PRO C 159 20.24 33.63 -10.80
N ASN C 160 20.96 32.75 -11.51
CA ASN C 160 20.43 32.02 -12.64
C ASN C 160 19.43 30.94 -12.20
N ALA C 161 19.77 30.25 -11.11
CA ALA C 161 18.97 29.15 -10.60
C ALA C 161 17.50 29.48 -10.60
N ILE C 162 16.70 28.53 -11.05
CA ILE C 162 15.29 28.74 -11.25
C ILE C 162 14.50 28.16 -10.08
N LEU C 163 13.36 28.76 -9.76
CA LEU C 163 12.50 28.31 -8.67
C LEU C 163 11.62 27.15 -9.12
N LYS C 164 11.41 26.18 -8.24
CA LYS C 164 10.60 25.02 -8.56
C LYS C 164 9.57 24.67 -7.49
N LEU C 165 8.64 23.81 -7.88
CA LEU C 165 7.61 23.33 -6.99
C LEU C 165 7.85 21.85 -6.70
N THR C 166 7.64 21.47 -5.45
CA THR C 166 7.92 20.11 -4.97
C THR C 166 6.79 19.60 -4.07
N ASP C 167 6.67 18.27 -4.01
CA ASP C 167 5.79 17.56 -3.08
C ASP C 167 4.39 17.29 -3.60
N PHE C 168 4.27 16.22 -4.37
CA PHE C 168 3.01 15.81 -4.94
C PHE C 168 2.33 14.80 -4.04
N GLY C 169 2.71 14.82 -2.75
CA GLY C 169 2.07 13.98 -1.76
C GLY C 169 0.67 14.41 -1.40
N PHE C 170 0.15 15.44 -2.07
CA PHE C 170 -1.28 15.78 -1.97
C PHE C 170 -1.87 15.93 -3.35
N ALA C 171 -1.03 15.82 -4.38
CA ALA C 171 -1.46 15.99 -5.77
C ALA C 171 -2.51 14.96 -6.11
N LYS C 172 -3.57 15.43 -6.77
CA LYS C 172 -4.64 14.57 -7.23
C LYS C 172 -4.97 14.86 -8.70
N GLU C 173 -5.52 13.87 -9.40
CA GLU C 173 -6.01 14.05 -10.76
C GLU C 173 -7.41 14.67 -10.68
N THR C 174 -7.79 15.50 -11.64
CA THR C 174 -9.08 16.19 -11.53
C THR C 174 -10.23 15.48 -12.23
N THR C 175 -9.95 14.84 -13.36
CA THR C 175 -10.98 14.08 -14.06
C THR C 175 -11.56 12.95 -13.20
N PRO C 187 -18.55 17.68 -29.73
CA PRO C 187 -17.71 18.26 -30.79
C PRO C 187 -17.10 19.63 -30.42
N TYR C 188 -17.05 20.57 -31.37
CA TYR C 188 -16.30 21.82 -31.20
C TYR C 188 -17.00 22.92 -30.37
N TYR C 189 -18.26 22.71 -30.02
CA TYR C 189 -19.06 23.75 -29.39
C TYR C 189 -19.43 23.40 -27.95
N VAL C 190 -18.93 22.27 -27.46
CA VAL C 190 -19.38 21.71 -26.18
C VAL C 190 -18.66 22.32 -24.97
N ALA C 191 -19.43 22.89 -24.05
CA ALA C 191 -18.89 23.61 -22.91
C ALA C 191 -18.04 22.70 -22.02
N PRO C 192 -17.09 23.28 -21.26
CA PRO C 192 -16.22 22.44 -20.43
C PRO C 192 -17.00 21.72 -19.32
N GLU C 193 -18.06 22.34 -18.84
CA GLU C 193 -18.90 21.73 -17.81
C GLU C 193 -19.43 20.37 -18.30
N VAL C 194 -19.44 20.21 -19.61
CA VAL C 194 -20.06 19.06 -20.29
C VAL C 194 -19.04 18.00 -20.67
N LEU C 195 -17.77 18.40 -20.67
CA LEU C 195 -16.69 17.52 -21.05
C LEU C 195 -16.28 16.73 -19.81
N GLY C 196 -15.26 17.24 -19.14
CA GLY C 196 -14.89 16.67 -17.86
C GLY C 196 -15.59 17.39 -16.72
N PRO C 197 -16.50 16.71 -16.02
CA PRO C 197 -17.23 17.31 -14.89
C PRO C 197 -16.29 18.09 -13.96
N GLU C 198 -15.29 17.37 -13.45
CA GLU C 198 -14.21 17.95 -12.65
C GLU C 198 -14.70 18.80 -11.47
N LYS C 199 -14.32 18.35 -10.26
CA LYS C 199 -14.56 19.07 -8.99
C LYS C 199 -14.05 20.51 -9.07
N TYR C 200 -13.43 20.99 -7.99
CA TYR C 200 -12.72 22.25 -7.99
C TYR C 200 -11.47 22.16 -7.12
N ASP C 201 -10.59 21.23 -7.48
CA ASP C 201 -9.28 21.07 -6.86
C ASP C 201 -8.35 22.12 -7.39
N LYS C 202 -8.33 22.27 -8.71
CA LYS C 202 -7.55 23.32 -9.37
C LYS C 202 -7.82 24.63 -8.65
N SER C 203 -9.08 24.84 -8.32
CA SER C 203 -9.56 26.02 -7.64
C SER C 203 -8.64 26.53 -6.52
N CYS C 204 -8.24 25.67 -5.60
CA CYS C 204 -7.55 26.14 -4.40
C CYS C 204 -6.06 26.37 -4.63
N ASP C 205 -5.49 25.71 -5.64
CA ASP C 205 -4.13 26.01 -6.07
C ASP C 205 -4.01 27.48 -6.45
N MET C 206 -5.09 28.06 -6.95
CA MET C 206 -5.10 29.47 -7.27
C MET C 206 -5.21 30.32 -6.01
N TRP C 207 -5.86 29.78 -4.98
CA TRP C 207 -5.94 30.50 -3.71
C TRP C 207 -4.54 30.63 -3.15
N SER C 208 -3.77 29.56 -3.30
CA SER C 208 -2.43 29.56 -2.80
C SER C 208 -1.54 30.50 -3.59
N LEU C 209 -1.71 30.56 -4.90
CA LEU C 209 -1.06 31.59 -5.70
C LEU C 209 -1.34 33.00 -5.15
N GLY C 210 -2.53 33.17 -4.57
CA GLY C 210 -2.94 34.47 -4.06
C GLY C 210 -2.33 34.77 -2.72
N VAL C 211 -2.20 33.77 -1.87
CA VAL C 211 -1.51 33.94 -0.61
C VAL C 211 -0.02 34.23 -0.89
N ILE C 212 0.60 33.41 -1.74
CA ILE C 212 2.01 33.57 -2.09
C ILE C 212 2.32 34.95 -2.66
N MET C 213 1.37 35.48 -3.41
CA MET C 213 1.55 36.79 -4.03
C MET C 213 1.37 37.89 -3.01
N TYR C 214 0.32 37.79 -2.21
CA TYR C 214 0.14 38.77 -1.18
C TYR C 214 1.45 38.90 -0.44
N ILE C 215 2.02 37.77 -0.03
CA ILE C 215 3.21 37.81 0.81
C ILE C 215 4.37 38.42 0.03
N LEU C 216 4.68 37.86 -1.13
CA LEU C 216 5.75 38.37 -2.00
C LEU C 216 5.79 39.89 -2.12
N LEU C 217 4.64 40.55 -2.00
CA LEU C 217 4.55 41.98 -2.25
C LEU C 217 4.57 42.87 -1.02
N CYS C 218 4.84 42.32 0.16
CA CYS C 218 4.81 43.15 1.36
C CYS C 218 5.42 42.46 2.57
N GLY C 219 5.72 41.17 2.40
CA GLY C 219 6.51 40.49 3.42
C GLY C 219 5.72 39.80 4.52
N TYR C 220 4.46 40.17 4.69
CA TYR C 220 3.62 39.48 5.65
C TYR C 220 2.47 38.73 4.98
N PRO C 221 1.96 37.67 5.63
CA PRO C 221 0.82 36.86 5.19
C PRO C 221 -0.52 37.58 5.35
N PRO C 222 -1.50 37.24 4.50
CA PRO C 222 -2.77 37.97 4.42
C PRO C 222 -3.64 37.80 5.65
N PHE C 223 -3.88 36.55 6.03
CA PHE C 223 -4.67 36.26 7.22
C PHE C 223 -3.76 35.78 8.33
N TYR C 224 -4.14 36.06 9.56
CA TYR C 224 -3.34 35.68 10.71
C TYR C 224 -4.18 35.85 11.96
N SER C 225 -3.81 35.15 13.03
CA SER C 225 -4.59 35.16 14.27
C SER C 225 -4.29 36.43 15.06
N ASN C 226 -5.35 37.15 15.41
CA ASN C 226 -5.24 38.35 16.23
C ASN C 226 -6.32 38.25 17.30
N HIS C 227 -6.19 37.23 18.15
CA HIS C 227 -7.18 36.96 19.19
C HIS C 227 -7.18 38.10 20.20
N GLY C 228 -7.99 39.11 19.92
CA GLY C 228 -7.98 40.36 20.66
C GLY C 228 -8.41 41.54 19.80
N LEU C 229 -9.56 41.41 19.13
CA LEU C 229 -10.03 42.44 18.20
C LEU C 229 -11.47 42.82 18.55
N ALA C 230 -12.40 42.06 17.98
CA ALA C 230 -13.85 42.25 18.15
C ALA C 230 -14.54 41.38 17.12
N ILE C 231 -14.33 41.70 15.84
CA ILE C 231 -14.83 40.89 14.74
C ILE C 231 -13.72 40.05 14.11
N SER C 232 -13.83 38.74 14.28
CA SER C 232 -12.97 37.78 13.61
C SER C 232 -11.58 37.59 14.23
N PRO C 233 -11.51 37.33 15.54
CA PRO C 233 -10.24 36.89 16.16
C PRO C 233 -9.76 35.53 15.62
N GLY C 234 -10.70 34.66 15.29
CA GLY C 234 -10.33 33.36 14.74
C GLY C 234 -9.41 33.53 13.55
N MET C 235 -8.21 32.99 13.65
CA MET C 235 -7.29 32.97 12.53
C MET C 235 -8.04 32.42 11.32
N LYS C 236 -8.83 31.36 11.54
CA LYS C 236 -9.53 30.72 10.44
C LYS C 236 -10.89 31.36 10.15
N THR C 237 -11.47 32.06 11.12
CA THR C 237 -12.63 32.93 10.84
C THR C 237 -12.32 34.02 9.79
N ARG C 238 -11.14 34.62 9.87
CA ARG C 238 -10.68 35.58 8.87
C ARG C 238 -10.52 34.96 7.49
N ILE C 239 -10.02 33.74 7.44
CA ILE C 239 -9.81 33.05 6.17
C ILE C 239 -11.14 32.67 5.54
N ARG C 240 -12.05 32.14 6.37
CA ARG C 240 -13.37 31.75 5.92
C ARG C 240 -14.06 32.96 5.30
N MET C 241 -14.25 33.98 6.12
CA MET C 241 -14.90 35.20 5.68
C MET C 241 -14.01 35.98 4.74
N GLY C 242 -12.89 35.37 4.38
CA GLY C 242 -11.94 36.00 3.48
C GLY C 242 -11.77 37.49 3.73
N GLN C 243 -11.58 37.88 4.99
CA GLN C 243 -11.38 39.28 5.28
C GLN C 243 -9.92 39.61 5.50
N TYR C 244 -9.34 40.24 4.48
CA TYR C 244 -7.99 40.79 4.57
C TYR C 244 -8.01 42.27 4.23
N GLU C 245 -6.83 42.83 4.02
CA GLU C 245 -6.72 44.22 3.61
C GLU C 245 -5.34 44.46 3.04
N PHE C 246 -5.20 45.57 2.34
CA PHE C 246 -3.89 46.00 1.89
C PHE C 246 -3.58 47.26 2.66
N PRO C 247 -3.11 47.11 3.90
CA PRO C 247 -2.90 48.25 4.78
C PRO C 247 -1.66 49.09 4.43
N ASN C 248 -1.74 50.39 4.72
CA ASN C 248 -0.57 51.26 4.67
C ASN C 248 0.27 50.98 5.91
N PRO C 249 1.60 51.11 5.76
CA PRO C 249 2.21 51.68 4.57
C PRO C 249 2.83 50.71 3.57
N GLU C 250 2.80 49.41 3.87
CA GLU C 250 3.45 48.40 3.00
C GLU C 250 2.85 48.39 1.60
N TRP C 251 1.54 48.59 1.54
CA TRP C 251 0.80 48.43 0.30
C TRP C 251 0.68 49.78 -0.37
N SER C 252 1.01 50.81 0.40
CA SER C 252 0.74 52.22 0.10
C SER C 252 0.96 52.58 -1.36
N GLU C 253 2.05 52.11 -1.92
CA GLU C 253 2.32 52.40 -3.31
C GLU C 253 2.53 51.12 -4.13
N VAL C 254 1.55 50.22 -4.08
CA VAL C 254 1.56 49.04 -4.93
C VAL C 254 0.34 49.07 -5.84
N SER C 255 0.57 49.13 -7.16
CA SER C 255 -0.48 49.47 -8.13
C SER C 255 -1.83 48.83 -7.82
N GLU C 256 -2.91 49.57 -7.99
CA GLU C 256 -4.25 49.04 -7.73
C GLU C 256 -4.55 47.88 -8.69
N GLU C 257 -3.71 47.74 -9.72
CA GLU C 257 -3.84 46.67 -10.69
C GLU C 257 -3.58 45.33 -10.02
N VAL C 258 -2.51 45.25 -9.24
CA VAL C 258 -2.14 44.02 -8.55
C VAL C 258 -3.09 43.77 -7.36
N LYS C 259 -3.48 44.85 -6.68
CA LYS C 259 -4.45 44.72 -5.62
C LYS C 259 -5.68 43.97 -6.14
N MET C 260 -6.06 44.27 -7.37
CA MET C 260 -7.24 43.67 -7.97
C MET C 260 -6.99 42.21 -8.32
N LEU C 261 -5.80 41.94 -8.84
CA LEU C 261 -5.42 40.59 -9.22
C LEU C 261 -5.38 39.72 -7.99
N ILE C 262 -4.91 40.28 -6.88
CA ILE C 262 -4.85 39.51 -5.66
C ILE C 262 -6.25 39.25 -5.15
N ARG C 263 -7.15 40.18 -5.40
CA ARG C 263 -8.49 40.05 -4.85
C ARG C 263 -9.30 38.96 -5.52
N ASN C 264 -9.01 38.70 -6.79
CA ASN C 264 -9.66 37.62 -7.51
C ASN C 264 -9.08 36.26 -7.19
N LEU C 265 -7.83 36.20 -6.75
CA LEU C 265 -7.28 34.92 -6.36
C LEU C 265 -7.77 34.58 -4.96
N LEU C 266 -7.91 35.62 -4.13
CA LEU C 266 -8.25 35.41 -2.73
C LEU C 266 -9.75 35.55 -2.44
N LYS C 267 -10.55 34.81 -3.22
CA LYS C 267 -11.99 34.76 -3.09
C LYS C 267 -12.45 33.58 -2.23
N THR C 268 -13.48 33.80 -1.45
CA THR C 268 -14.12 32.76 -0.67
C THR C 268 -14.77 31.66 -1.51
N GLU C 269 -15.74 32.03 -2.34
CA GLU C 269 -16.35 31.06 -3.26
C GLU C 269 -15.35 30.62 -4.34
N PRO C 270 -14.95 29.34 -4.29
CA PRO C 270 -14.02 28.85 -5.30
C PRO C 270 -14.46 29.17 -6.72
N THR C 271 -15.75 29.00 -6.98
CA THR C 271 -16.28 29.19 -8.33
C THR C 271 -16.12 30.63 -8.82
N GLN C 272 -15.57 31.50 -8.00
CA GLN C 272 -15.46 32.92 -8.33
C GLN C 272 -14.04 33.24 -8.75
N ARG C 273 -13.11 32.38 -8.38
CA ARG C 273 -11.70 32.65 -8.54
C ARG C 273 -11.26 32.63 -9.97
N MET C 274 -10.20 33.37 -10.23
CA MET C 274 -9.55 33.39 -11.54
C MET C 274 -8.91 32.03 -11.86
N THR C 275 -9.07 31.55 -13.08
CA THR C 275 -8.42 30.31 -13.45
C THR C 275 -6.92 30.59 -13.64
N ILE C 276 -6.14 29.56 -13.92
CA ILE C 276 -4.71 29.77 -14.10
C ILE C 276 -4.50 30.31 -15.52
N THR C 277 -5.39 29.93 -16.43
CA THR C 277 -5.26 30.37 -17.80
C THR C 277 -5.53 31.87 -17.89
N GLU C 278 -6.25 32.41 -16.92
CA GLU C 278 -6.56 33.84 -16.90
C GLU C 278 -5.53 34.64 -16.12
N PHE C 279 -4.85 33.97 -15.19
CA PHE C 279 -3.78 34.55 -14.38
C PHE C 279 -2.52 34.78 -15.21
N MET C 280 -2.14 33.80 -16.03
CA MET C 280 -0.99 33.92 -16.91
C MET C 280 -1.28 34.80 -18.12
N ASN C 281 -2.52 35.24 -18.25
CA ASN C 281 -2.93 36.16 -19.31
C ASN C 281 -3.08 37.57 -18.74
N HIS C 282 -3.17 37.68 -17.42
CA HIS C 282 -3.17 38.99 -16.83
C HIS C 282 -1.93 39.69 -17.29
N PRO C 283 -2.07 40.94 -17.74
CA PRO C 283 -0.96 41.76 -18.25
C PRO C 283 0.23 41.85 -17.29
N TRP C 284 -0.05 41.84 -15.98
CA TRP C 284 0.97 41.85 -14.94
C TRP C 284 1.87 40.59 -14.94
N ILE C 285 1.35 39.47 -15.41
CA ILE C 285 2.17 38.28 -15.53
C ILE C 285 2.61 38.21 -16.98
N MET C 286 1.68 38.55 -17.85
CA MET C 286 1.86 38.43 -19.28
C MET C 286 3.15 39.14 -19.64
N GLN C 287 3.24 40.40 -19.22
CA GLN C 287 4.41 41.24 -19.44
C GLN C 287 5.01 41.70 -18.10
N SER C 288 5.78 40.82 -17.45
CA SER C 288 6.49 41.19 -16.24
C SER C 288 7.52 42.26 -16.64
N THR C 289 8.03 42.12 -17.86
CA THR C 289 8.99 43.05 -18.43
C THR C 289 8.65 44.54 -18.25
N LYS C 290 7.38 44.88 -18.05
CA LYS C 290 6.94 46.27 -18.06
C LYS C 290 6.13 46.68 -16.82
N VAL C 291 6.44 46.05 -15.69
CA VAL C 291 5.76 46.38 -14.45
C VAL C 291 6.66 47.22 -13.53
N PRO C 292 6.11 48.30 -12.97
CA PRO C 292 6.84 49.32 -12.22
C PRO C 292 7.86 48.70 -11.28
N GLN C 293 9.14 48.94 -11.56
CA GLN C 293 10.20 48.37 -10.74
C GLN C 293 10.20 49.00 -9.36
N THR C 294 9.03 49.10 -8.74
CA THR C 294 8.90 49.86 -7.50
C THR C 294 9.35 49.06 -6.26
N PRO C 295 9.95 49.75 -5.29
CA PRO C 295 10.51 49.15 -4.07
C PRO C 295 9.45 48.48 -3.20
N LEU C 296 9.74 47.27 -2.73
CA LEU C 296 8.83 46.55 -1.86
C LEU C 296 9.40 46.41 -0.46
N HIS C 297 8.54 46.58 0.55
CA HIS C 297 8.93 46.39 1.94
C HIS C 297 9.25 44.91 2.22
N THR C 298 9.42 44.10 1.17
CA THR C 298 9.29 42.66 1.36
C THR C 298 10.46 42.03 2.13
N SER C 299 11.69 42.22 1.67
CA SER C 299 12.86 41.66 2.35
C SER C 299 12.96 42.14 3.80
N ARG C 300 12.96 43.46 3.99
CA ARG C 300 13.04 43.99 5.35
C ARG C 300 12.10 43.21 6.25
N VAL C 301 10.84 43.06 5.82
CA VAL C 301 9.75 42.60 6.66
C VAL C 301 9.80 41.11 6.91
N LEU C 302 10.18 40.37 5.86
CA LEU C 302 10.52 38.97 6.00
C LEU C 302 11.63 38.74 7.02
N LYS C 303 12.88 39.05 6.65
CA LYS C 303 14.01 38.80 7.55
C LYS C 303 13.60 39.04 9.01
N GLU C 304 13.02 40.22 9.24
CA GLU C 304 12.46 40.61 10.53
C GLU C 304 11.64 39.60 11.37
N ASP C 305 10.98 38.63 10.74
CA ASP C 305 10.07 37.71 11.46
C ASP C 305 9.09 38.47 12.38
N LYS C 306 8.77 39.68 11.94
CA LYS C 306 7.95 40.68 12.64
C LYS C 306 6.97 40.15 13.67
N GLU C 307 5.68 40.36 13.39
CA GLU C 307 4.60 40.10 14.34
C GLU C 307 3.56 39.16 13.74
N ARG C 308 2.94 39.59 12.64
CA ARG C 308 2.04 38.72 11.88
C ARG C 308 2.72 37.38 11.61
N TRP C 309 4.04 37.35 11.76
CA TRP C 309 4.80 36.13 11.58
C TRP C 309 5.07 35.41 12.89
N GLU C 310 5.07 36.15 13.99
CA GLU C 310 5.26 35.55 15.29
C GLU C 310 3.91 35.09 15.87
N ASP C 311 2.84 35.38 15.14
CA ASP C 311 1.50 34.88 15.47
C ASP C 311 1.21 33.57 14.76
N VAL C 312 1.47 33.53 13.45
CA VAL C 312 1.29 32.32 12.67
C VAL C 312 2.28 31.28 13.15
N LYS C 313 3.38 31.75 13.75
CA LYS C 313 4.37 30.86 14.37
C LYS C 313 3.94 30.43 15.77
N GLU C 314 3.48 31.37 16.59
CA GLU C 314 3.01 31.04 17.95
C GLU C 314 1.82 30.10 17.87
N GLU C 315 1.23 30.02 16.69
CA GLU C 315 0.04 29.22 16.44
C GLU C 315 0.41 27.90 15.77
N MET C 316 1.64 27.83 15.26
CA MET C 316 2.19 26.59 14.73
C MET C 316 2.60 25.65 15.86
N THR C 317 3.70 25.99 16.52
CA THR C 317 4.29 25.14 17.56
C THR C 317 3.38 24.88 18.73
N SER C 318 2.40 25.76 18.95
CA SER C 318 1.45 25.58 20.04
C SER C 318 0.38 24.55 19.69
N ALA C 319 0.04 24.44 18.41
CA ALA C 319 -0.95 23.47 17.97
C ALA C 319 -0.30 22.12 17.68
N PHE D 3 -26.81 3.16 55.37
CA PHE D 3 -26.47 3.41 53.92
C PHE D 3 -25.18 4.20 53.78
N PRO D 4 -24.28 3.74 52.89
CA PRO D 4 -22.93 4.28 52.72
C PRO D 4 -22.96 5.69 52.15
N GLN D 5 -23.55 6.62 52.89
CA GLN D 5 -23.70 7.99 52.44
C GLN D 5 -22.38 8.65 52.04
N PHE D 6 -21.27 7.95 52.23
CA PHE D 6 -19.97 8.43 51.79
C PHE D 6 -19.62 7.89 50.41
N HIS D 7 -20.61 7.28 49.77
CA HIS D 7 -20.50 6.93 48.35
C HIS D 7 -21.36 7.89 47.55
N VAL D 8 -21.96 8.87 48.24
CA VAL D 8 -22.75 9.92 47.57
C VAL D 8 -21.98 11.26 47.53
N LYS D 9 -21.45 11.56 46.35
CA LYS D 9 -20.76 12.80 46.06
C LYS D 9 -21.68 13.68 45.20
N SER D 10 -21.43 15.00 45.22
CA SER D 10 -22.20 15.95 44.42
C SER D 10 -21.95 15.78 42.92
N GLY D 11 -23.01 15.89 42.13
CA GLY D 11 -22.87 15.79 40.69
C GLY D 11 -22.31 17.04 40.07
N LEU D 12 -22.22 17.04 38.74
CA LEU D 12 -21.55 18.13 38.05
C LEU D 12 -22.51 19.25 37.69
N GLN D 13 -22.44 20.37 38.41
CA GLN D 13 -23.17 21.57 38.01
C GLN D 13 -22.23 22.58 37.40
N ILE D 14 -22.45 22.91 36.13
CA ILE D 14 -21.57 23.82 35.41
C ILE D 14 -21.82 25.28 35.83
N LYS D 15 -21.20 26.23 35.13
CA LYS D 15 -21.53 27.64 35.29
C LYS D 15 -21.70 28.30 33.93
N LYS D 16 -22.52 29.36 33.88
CA LYS D 16 -22.72 30.09 32.64
C LYS D 16 -22.14 31.49 32.73
N ASN D 17 -22.07 32.04 33.93
CA ASN D 17 -21.52 33.39 34.11
C ASN D 17 -20.08 33.42 33.61
N ALA D 18 -19.70 34.54 33.01
CA ALA D 18 -18.37 34.70 32.42
C ALA D 18 -17.29 34.33 33.44
N ILE D 19 -16.25 33.64 32.99
CA ILE D 19 -15.30 33.12 33.94
C ILE D 19 -14.48 34.27 34.50
N ILE D 20 -14.43 35.36 33.76
CA ILE D 20 -13.69 36.53 34.18
C ILE D 20 -14.26 37.22 35.41
N ASP D 21 -15.53 36.97 35.72
CA ASP D 21 -16.13 37.48 36.95
C ASP D 21 -15.44 36.82 38.13
N ASP D 22 -15.23 35.51 38.01
CA ASP D 22 -14.65 34.70 39.08
C ASP D 22 -13.12 34.74 39.03
N TYR D 23 -12.55 34.54 37.85
CA TYR D 23 -11.11 34.61 37.72
C TYR D 23 -10.71 35.73 36.80
N LYS D 24 -9.40 35.82 36.64
CA LYS D 24 -8.78 36.72 35.71
C LYS D 24 -7.84 35.93 34.83
N VAL D 25 -8.30 35.67 33.61
CA VAL D 25 -7.60 34.78 32.71
C VAL D 25 -6.31 35.49 32.32
N THR D 26 -5.20 34.78 32.43
CA THR D 26 -3.94 35.28 31.86
C THR D 26 -3.61 34.58 30.55
N SER D 27 -2.68 35.18 29.80
CA SER D 27 -2.27 34.65 28.51
C SER D 27 -1.13 33.63 28.62
N GLN D 28 -0.70 33.34 29.85
CA GLN D 28 0.47 32.48 30.05
C GLN D 28 0.16 30.98 29.98
N VAL D 29 0.54 30.35 28.88
CA VAL D 29 0.39 28.91 28.76
C VAL D 29 1.26 28.16 29.77
N LEU D 30 0.64 27.27 30.53
CA LEU D 30 1.40 26.34 31.36
C LEU D 30 1.82 25.16 30.49
N GLY D 31 0.91 24.22 30.28
CA GLY D 31 1.20 23.08 29.43
C GLY D 31 0.39 23.06 28.14
N LEU D 32 0.45 21.95 27.42
CA LEU D 32 -0.35 21.76 26.22
C LEU D 32 -0.95 20.36 26.26
N GLY D 33 -2.26 20.26 26.56
CA GLY D 33 -2.90 18.97 26.71
C GLY D 33 -3.97 18.75 25.66
N ILE D 34 -4.27 17.48 25.36
CA ILE D 34 -5.23 17.13 24.30
C ILE D 34 -6.47 18.03 24.32
N ASN D 35 -6.76 18.66 23.19
CA ASN D 35 -7.97 19.47 23.01
C ASN D 35 -7.92 20.84 23.72
N GLY D 36 -6.85 21.12 24.45
CA GLY D 36 -6.80 22.36 25.20
C GLY D 36 -5.45 22.72 25.82
N LYS D 37 -4.92 23.86 25.41
CA LYS D 37 -3.77 24.44 26.08
C LYS D 37 -4.25 24.99 27.41
N VAL D 38 -3.53 24.69 28.47
CA VAL D 38 -3.89 25.17 29.81
C VAL D 38 -3.23 26.51 30.11
N LEU D 39 -3.93 27.35 30.87
CA LEU D 39 -3.46 28.70 31.13
C LEU D 39 -3.28 28.92 32.62
N GLN D 40 -2.26 29.69 32.97
CA GLN D 40 -2.12 30.24 34.31
C GLN D 40 -3.31 31.16 34.54
N ILE D 41 -4.12 30.89 35.55
CA ILE D 41 -5.08 31.91 35.97
C ILE D 41 -5.12 32.03 37.48
N PHE D 42 -5.68 33.13 37.98
CA PHE D 42 -5.66 33.41 39.41
C PHE D 42 -7.07 33.77 39.88
N ASN D 43 -7.43 33.27 41.07
CA ASN D 43 -8.71 33.60 41.70
C ASN D 43 -8.71 35.10 41.91
N LYS D 44 -9.88 35.72 41.84
CA LYS D 44 -9.98 37.16 42.02
C LYS D 44 -10.14 37.52 43.48
N ARG D 45 -11.03 36.80 44.16
CA ARG D 45 -11.26 37.00 45.59
C ARG D 45 -10.03 36.52 46.38
N THR D 46 -9.97 35.22 46.66
CA THR D 46 -8.88 34.63 47.43
C THR D 46 -7.53 35.00 46.82
N GLN D 47 -7.47 34.99 45.49
CA GLN D 47 -6.29 35.41 44.74
C GLN D 47 -5.24 34.31 44.54
N GLU D 48 -5.61 33.06 44.77
CA GLU D 48 -4.67 31.96 44.56
C GLU D 48 -4.75 31.41 43.14
N LYS D 49 -3.60 31.12 42.56
CA LYS D 49 -3.55 30.66 41.18
C LYS D 49 -4.06 29.24 40.98
N PHE D 50 -5.09 29.11 40.15
CA PHE D 50 -5.52 27.82 39.65
C PHE D 50 -5.16 27.71 38.16
N ALA D 51 -5.08 26.49 37.64
CA ALA D 51 -4.84 26.27 36.21
C ALA D 51 -6.18 26.24 35.44
N LEU D 52 -6.14 26.33 34.11
CA LEU D 52 -7.36 26.37 33.30
C LEU D 52 -7.20 25.88 31.86
N LYS D 53 -8.03 24.91 31.47
CA LYS D 53 -8.02 24.38 30.10
C LYS D 53 -9.23 24.90 29.32
N MET D 54 -9.01 25.30 28.08
CA MET D 54 -10.08 25.71 27.19
C MET D 54 -10.38 24.61 26.19
N LEU D 55 -11.66 24.46 25.87
CA LEU D 55 -12.11 23.43 24.93
C LEU D 55 -13.29 23.99 24.15
N GLN D 56 -13.41 23.64 22.87
CA GLN D 56 -14.62 23.99 22.12
C GLN D 56 -15.76 23.02 22.40
N ASP D 57 -16.84 23.52 23.00
CA ASP D 57 -18.01 22.72 23.31
C ASP D 57 -18.40 21.82 22.15
N CYS D 58 -18.51 20.52 22.42
CA CYS D 58 -18.78 19.54 21.37
C CYS D 58 -18.79 18.15 22.00
N PRO D 59 -19.00 17.08 21.20
CA PRO D 59 -19.07 15.74 21.78
C PRO D 59 -17.85 15.41 22.64
N LYS D 60 -16.68 15.40 22.00
CA LYS D 60 -15.44 15.09 22.67
C LYS D 60 -15.25 15.94 23.92
N ALA D 61 -15.59 17.22 23.82
CA ALA D 61 -15.39 18.15 24.93
C ALA D 61 -16.32 17.85 26.11
N ARG D 62 -17.53 17.39 25.83
CA ARG D 62 -18.44 17.07 26.92
C ARG D 62 -18.08 15.73 27.57
N ARG D 63 -17.38 14.87 26.82
CA ARG D 63 -16.94 13.56 27.32
C ARG D 63 -15.81 13.72 28.33
N GLU D 64 -14.74 14.40 27.91
CA GLU D 64 -13.65 14.72 28.82
C GLU D 64 -14.15 15.35 30.15
N VAL D 65 -14.96 16.39 30.04
CA VAL D 65 -15.45 17.12 31.21
C VAL D 65 -16.30 16.23 32.08
N GLU D 66 -16.82 15.15 31.52
CA GLU D 66 -17.66 14.23 32.28
C GLU D 66 -16.82 13.14 32.94
N LEU D 67 -16.17 12.30 32.15
CA LEU D 67 -15.32 11.27 32.71
C LEU D 67 -14.33 11.78 33.74
N HIS D 68 -13.85 13.02 33.55
CA HIS D 68 -12.85 13.57 34.46
C HIS D 68 -13.53 13.99 35.74
N TRP D 69 -14.74 14.52 35.64
CA TRP D 69 -15.45 14.95 36.84
C TRP D 69 -15.78 13.74 37.72
N ARG D 70 -16.21 12.64 37.12
CA ARG D 70 -16.53 11.46 37.90
C ARG D 70 -15.30 10.99 38.69
N ALA D 71 -14.16 10.96 38.00
CA ALA D 71 -12.91 10.47 38.59
C ALA D 71 -12.18 11.53 39.40
N SER D 72 -12.78 12.70 39.53
CA SER D 72 -12.18 13.77 40.34
C SER D 72 -12.20 13.31 41.79
N GLN D 73 -12.84 12.17 42.03
CA GLN D 73 -12.90 11.56 43.35
C GLN D 73 -11.54 11.02 43.85
N CYS D 74 -10.73 10.50 42.94
CA CYS D 74 -9.43 9.94 43.31
C CYS D 74 -8.38 11.04 43.44
N PRO D 75 -7.71 11.11 44.60
CA PRO D 75 -6.72 12.13 44.94
C PRO D 75 -5.62 12.16 43.92
N HIS D 76 -5.39 11.01 43.30
CA HIS D 76 -4.31 10.86 42.35
C HIS D 76 -4.71 11.30 40.95
N ILE D 77 -6.00 11.51 40.75
CA ILE D 77 -6.42 12.25 39.57
C ILE D 77 -6.53 13.72 39.94
N VAL D 78 -6.22 14.59 38.99
CA VAL D 78 -6.16 16.00 39.27
C VAL D 78 -7.56 16.59 39.44
N ARG D 79 -7.69 17.42 40.46
CA ARG D 79 -8.99 17.87 40.92
C ARG D 79 -9.57 19.02 40.09
N ILE D 80 -10.80 18.82 39.61
CA ILE D 80 -11.56 19.91 39.00
C ILE D 80 -12.15 20.83 40.06
N VAL D 81 -11.84 22.11 39.93
CA VAL D 81 -12.38 23.17 40.78
C VAL D 81 -13.70 23.72 40.26
N ASP D 82 -13.85 23.78 38.94
CA ASP D 82 -15.08 24.29 38.35
C ASP D 82 -15.13 24.10 36.84
N VAL D 83 -16.35 24.00 36.32
CA VAL D 83 -16.57 23.97 34.88
C VAL D 83 -17.46 25.13 34.46
N TYR D 84 -17.13 25.74 33.32
CA TYR D 84 -17.93 26.85 32.78
C TYR D 84 -18.32 26.57 31.34
N GLU D 85 -19.48 27.07 30.94
CA GLU D 85 -19.94 26.97 29.56
C GLU D 85 -20.06 28.37 28.99
N ASN D 86 -19.00 29.15 29.08
CA ASN D 86 -18.96 30.52 28.58
C ASN D 86 -19.01 30.61 27.06
N LEU D 87 -19.22 31.83 26.57
CA LEU D 87 -19.11 32.14 25.15
C LEU D 87 -17.79 32.87 24.87
N TYR D 88 -16.95 32.31 24.00
CA TYR D 88 -15.73 32.99 23.60
C TYR D 88 -15.77 33.37 22.13
N ALA D 89 -16.04 34.66 21.86
CA ALA D 89 -16.30 35.10 20.50
C ALA D 89 -17.47 34.31 19.93
N GLY D 90 -18.63 34.42 20.55
CA GLY D 90 -19.83 33.75 20.05
C GLY D 90 -19.63 32.29 19.67
N ARG D 91 -18.63 31.65 20.28
CA ARG D 91 -18.45 30.19 20.18
C ARG D 91 -18.66 29.56 21.56
N LYS D 92 -19.75 28.80 21.70
CA LYS D 92 -20.06 28.17 22.98
C LYS D 92 -18.97 27.14 23.29
N CYS D 93 -18.38 27.22 24.47
CA CYS D 93 -17.27 26.32 24.80
C CYS D 93 -17.01 26.17 26.30
N LEU D 94 -16.47 25.00 26.66
CA LEU D 94 -16.27 24.62 28.05
C LEU D 94 -14.90 25.01 28.61
N LEU D 95 -14.90 25.43 29.86
CA LEU D 95 -13.69 25.90 30.52
C LEU D 95 -13.55 25.14 31.85
N ILE D 96 -12.58 24.23 31.90
CA ILE D 96 -12.32 23.45 33.11
C ILE D 96 -11.31 24.14 34.03
N VAL D 97 -11.74 24.50 35.23
CA VAL D 97 -10.81 24.99 36.24
C VAL D 97 -10.16 23.81 36.95
N MET D 98 -8.88 23.92 37.30
CA MET D 98 -8.17 22.81 37.91
C MET D 98 -7.14 23.27 38.93
N GLU D 99 -6.94 22.45 39.96
CA GLU D 99 -5.92 22.74 40.96
C GLU D 99 -4.58 22.81 40.23
N CYS D 100 -3.74 23.76 40.63
CA CYS D 100 -2.43 23.94 40.00
C CYS D 100 -1.40 22.95 40.51
N LEU D 101 -0.71 22.27 39.60
CA LEU D 101 0.27 21.29 40.01
C LEU D 101 1.68 21.75 39.66
N ASP D 102 2.14 22.76 40.38
CA ASP D 102 3.43 23.39 40.15
C ASP D 102 4.59 22.55 40.68
N GLY D 103 4.30 21.29 41.01
CA GLY D 103 5.34 20.38 41.47
C GLY D 103 6.16 19.75 40.35
N GLY D 104 5.79 20.07 39.10
CA GLY D 104 6.56 19.60 37.96
C GLY D 104 6.28 18.17 37.51
N GLU D 105 6.72 17.82 36.30
CA GLU D 105 6.51 16.49 35.76
C GLU D 105 7.22 15.41 36.58
N LEU D 106 6.85 14.16 36.34
CA LEU D 106 7.36 13.07 37.16
C LEU D 106 8.83 12.86 36.86
N PHE D 107 9.10 12.44 35.63
CA PHE D 107 10.46 12.12 35.23
C PHE D 107 11.36 13.35 35.15
N SER D 108 10.78 14.53 35.37
CA SER D 108 11.59 15.72 35.51
C SER D 108 12.19 15.81 36.90
N ARG D 109 11.37 15.65 37.94
CA ARG D 109 11.86 15.78 39.30
C ARG D 109 12.74 14.61 39.72
N ILE D 110 12.30 13.42 39.32
CA ILE D 110 12.98 12.20 39.71
C ILE D 110 14.43 12.17 39.25
N GLN D 111 14.72 12.96 38.23
CA GLN D 111 16.05 13.14 37.72
C GLN D 111 16.93 13.91 38.69
N ASP D 112 16.38 14.95 39.34
CA ASP D 112 17.16 15.83 40.23
C ASP D 112 17.21 15.31 41.66
N ARG D 113 17.73 14.09 41.83
CA ARG D 113 17.77 13.45 43.14
C ARG D 113 18.77 14.12 44.07
N PHE D 118 17.74 7.85 43.53
CA PHE D 118 16.44 7.21 43.36
C PHE D 118 16.53 5.75 43.77
N THR D 119 15.79 5.37 44.82
CA THR D 119 15.84 4.02 45.36
C THR D 119 14.74 3.16 44.73
N GLU D 120 14.99 1.85 44.56
CA GLU D 120 14.00 0.98 43.95
C GLU D 120 12.69 1.10 44.70
N ARG D 121 12.76 0.83 46.01
CA ARG D 121 11.60 0.88 46.86
C ARG D 121 10.84 2.18 46.66
N GLU D 122 11.54 3.22 46.25
CA GLU D 122 10.91 4.51 46.03
C GLU D 122 10.13 4.56 44.72
N ALA D 123 10.63 3.87 43.70
CA ALA D 123 9.85 3.68 42.47
C ALA D 123 8.56 2.98 42.85
N SER D 124 8.69 1.86 43.56
CA SER D 124 7.55 1.06 43.97
C SER D 124 6.42 1.91 44.56
N GLU D 125 6.76 2.96 45.31
CA GLU D 125 5.73 3.88 45.81
C GLU D 125 5.02 4.55 44.63
N ILE D 126 5.82 5.02 43.68
CA ILE D 126 5.30 5.68 42.48
C ILE D 126 4.36 4.74 41.70
N MET D 127 4.89 3.62 41.26
CA MET D 127 4.10 2.65 40.54
C MET D 127 2.84 2.25 41.30
N LYS D 128 2.80 2.59 42.58
CA LYS D 128 1.65 2.24 43.40
C LYS D 128 0.58 3.31 43.34
N SER D 129 1.01 4.57 43.32
CA SER D 129 0.07 5.67 43.29
C SER D 129 -0.55 5.82 41.89
N ILE D 130 0.29 6.00 40.88
CA ILE D 130 -0.15 5.93 39.49
C ILE D 130 -1.15 4.76 39.31
N GLY D 131 -0.98 3.71 40.09
CA GLY D 131 -1.89 2.58 39.96
C GLY D 131 -3.19 2.85 40.68
N GLU D 132 -3.10 3.46 41.86
CA GLU D 132 -4.31 3.79 42.60
C GLU D 132 -5.27 4.52 41.69
N ALA D 133 -4.72 5.39 40.86
CA ALA D 133 -5.51 6.24 39.98
C ALA D 133 -6.09 5.42 38.84
N ILE D 134 -5.35 4.40 38.43
CA ILE D 134 -5.78 3.53 37.34
C ILE D 134 -6.71 2.43 37.86
N GLN D 135 -6.58 2.08 39.13
CA GLN D 135 -7.50 1.13 39.73
C GLN D 135 -8.85 1.82 39.84
N TYR D 136 -8.82 3.10 40.19
CA TYR D 136 -10.05 3.86 40.41
C TYR D 136 -10.82 4.02 39.12
N LEU D 137 -10.12 4.40 38.06
CA LEU D 137 -10.79 4.63 36.80
C LEU D 137 -11.43 3.34 36.34
N HIS D 138 -10.65 2.27 36.28
CA HIS D 138 -11.19 0.99 35.81
C HIS D 138 -12.33 0.51 36.69
N SER D 139 -12.29 0.88 37.96
CA SER D 139 -13.34 0.44 38.88
C SER D 139 -14.64 1.20 38.65
N ILE D 140 -14.58 2.28 37.87
CA ILE D 140 -15.80 2.93 37.35
C ILE D 140 -15.93 2.89 35.82
N ASN D 141 -15.14 2.03 35.18
CA ASN D 141 -15.32 1.70 33.77
C ASN D 141 -14.71 2.74 32.84
N ILE D 142 -14.04 3.71 33.41
CA ILE D 142 -13.32 4.69 32.62
C ILE D 142 -11.90 4.20 32.31
N ALA D 143 -11.56 4.07 31.03
CA ALA D 143 -10.16 3.84 30.62
C ALA D 143 -9.49 5.19 30.29
N HIS D 144 -8.20 5.36 30.63
CA HIS D 144 -7.50 6.62 30.33
C HIS D 144 -6.99 6.67 28.88
N ARG D 145 -6.37 5.58 28.44
CA ARG D 145 -5.97 5.45 27.05
C ARG D 145 -4.82 6.38 26.65
N ASP D 146 -4.36 7.20 27.58
CA ASP D 146 -3.20 8.07 27.33
C ASP D 146 -2.37 8.15 28.61
N VAL D 147 -2.09 7.02 29.24
CA VAL D 147 -1.29 7.07 30.47
C VAL D 147 0.18 7.18 30.14
N LYS D 148 0.63 8.41 29.90
CA LYS D 148 2.02 8.71 29.61
C LYS D 148 2.52 9.71 30.62
N PRO D 149 3.82 9.59 30.99
CA PRO D 149 4.49 10.29 32.11
C PRO D 149 4.33 11.82 32.17
N GLU D 150 4.14 12.45 31.02
CA GLU D 150 3.88 13.89 30.94
C GLU D 150 2.52 14.22 31.53
N ASN D 151 1.66 13.21 31.67
CA ASN D 151 0.35 13.39 32.25
C ASN D 151 0.33 13.16 33.77
N LEU D 152 1.47 12.72 34.31
CA LEU D 152 1.64 12.63 35.77
C LEU D 152 2.48 13.81 36.28
N LEU D 153 1.94 14.59 37.21
CA LEU D 153 2.64 15.76 37.72
C LEU D 153 2.37 15.89 39.22
N TYR D 154 3.28 16.58 39.91
CA TYR D 154 3.19 16.74 41.35
C TYR D 154 2.46 18.02 41.75
N THR D 155 1.72 17.95 42.85
CA THR D 155 0.97 19.09 43.35
C THR D 155 1.90 20.24 43.67
N SER D 156 2.74 20.02 44.67
CA SER D 156 3.68 21.03 45.11
C SER D 156 5.11 20.56 44.91
N LYS D 157 6.06 21.47 45.10
CA LYS D 157 7.48 21.16 45.15
C LYS D 157 7.89 20.58 46.52
N ARG D 158 6.91 20.32 47.38
CA ARG D 158 7.12 19.81 48.76
C ARG D 158 7.78 18.43 48.81
N PRO D 159 8.35 18.08 49.98
CA PRO D 159 8.97 16.76 50.11
C PRO D 159 7.93 15.69 49.89
N ASN D 160 6.98 15.60 50.82
CA ASN D 160 5.85 14.68 50.70
C ASN D 160 4.84 15.22 49.69
N ALA D 161 5.31 15.57 48.49
CA ALA D 161 4.44 16.06 47.43
C ALA D 161 3.65 14.90 46.85
N ILE D 162 2.47 15.19 46.33
CA ILE D 162 1.61 14.14 45.81
C ILE D 162 1.48 14.19 44.31
N LEU D 163 1.57 13.00 43.71
CA LEU D 163 1.56 12.84 42.26
C LEU D 163 0.13 12.63 41.76
N LYS D 164 -0.23 13.33 40.68
CA LYS D 164 -1.56 13.22 40.11
C LYS D 164 -1.50 12.96 38.61
N LEU D 165 -2.57 12.36 38.08
CA LEU D 165 -2.69 12.02 36.66
C LEU D 165 -3.74 12.93 36.04
N THR D 166 -3.62 13.16 34.73
CA THR D 166 -4.32 14.28 34.10
C THR D 166 -4.65 14.04 32.63
N ASP D 167 -5.53 14.89 32.11
CA ASP D 167 -5.81 14.89 30.69
C ASP D 167 -6.66 13.67 30.33
N PHE D 168 -7.97 13.88 30.29
CA PHE D 168 -8.92 12.84 29.88
C PHE D 168 -9.31 13.04 28.42
N GLY D 169 -8.43 13.70 27.68
CA GLY D 169 -8.61 13.84 26.25
C GLY D 169 -9.12 12.54 25.65
N PHE D 170 -8.35 11.46 25.81
CA PHE D 170 -8.71 10.18 25.21
C PHE D 170 -9.51 9.24 26.10
N ALA D 171 -9.69 9.63 27.37
CA ALA D 171 -10.52 8.85 28.28
C ALA D 171 -11.87 8.48 27.68
N LYS D 172 -12.22 7.19 27.76
CA LYS D 172 -13.46 6.67 27.20
C LYS D 172 -14.20 5.71 28.17
N GLU D 173 -15.52 5.66 28.08
CA GLU D 173 -16.32 4.76 28.92
C GLU D 173 -16.36 3.32 28.40
N THR D 174 -15.72 2.39 29.12
CA THR D 174 -15.64 1.00 28.67
C THR D 174 -16.98 0.26 28.52
N THR D 175 -18.03 0.81 29.11
CA THR D 175 -19.39 0.35 28.84
C THR D 175 -20.33 1.54 28.64
N CYS D 184 -31.31 -4.78 36.90
CA CYS D 184 -31.70 -4.69 38.31
C CYS D 184 -31.64 -6.06 38.98
N TYR D 185 -30.44 -6.65 38.99
CA TYR D 185 -30.21 -8.01 39.48
C TYR D 185 -28.71 -8.35 39.41
N THR D 186 -28.40 -9.51 38.82
CA THR D 186 -27.06 -10.11 38.77
C THR D 186 -26.76 -11.13 39.89
N PRO D 187 -26.67 -12.42 39.50
CA PRO D 187 -26.37 -13.58 40.35
C PRO D 187 -24.88 -13.75 40.62
N TYR D 188 -24.52 -13.96 41.88
CA TYR D 188 -23.14 -14.09 42.31
C TYR D 188 -22.27 -15.03 41.46
N TYR D 189 -22.90 -15.91 40.68
CA TYR D 189 -22.18 -16.99 40.02
C TYR D 189 -21.96 -16.76 38.53
N VAL D 190 -22.34 -15.57 38.07
CA VAL D 190 -22.31 -15.22 36.64
C VAL D 190 -20.96 -14.64 36.21
N ALA D 191 -20.43 -15.15 35.10
CA ALA D 191 -19.09 -14.78 34.65
C ALA D 191 -19.04 -13.32 34.24
N PRO D 192 -17.85 -12.70 34.33
CA PRO D 192 -17.72 -11.27 34.07
C PRO D 192 -18.04 -10.94 32.62
N GLU D 193 -17.97 -11.95 31.74
CA GLU D 193 -18.47 -11.80 30.37
C GLU D 193 -19.93 -11.43 30.44
N VAL D 194 -20.76 -12.47 30.56
CA VAL D 194 -22.19 -12.34 30.68
C VAL D 194 -22.69 -10.96 31.16
N LEU D 195 -22.01 -10.38 32.14
CA LEU D 195 -22.38 -9.06 32.62
C LEU D 195 -22.13 -7.94 31.59
N GLY D 196 -20.89 -7.47 31.52
CA GLY D 196 -20.58 -6.33 30.66
C GLY D 196 -20.18 -6.71 29.25
N PRO D 197 -20.15 -5.74 28.32
CA PRO D 197 -19.51 -5.94 27.00
C PRO D 197 -17.97 -5.86 27.08
N GLU D 198 -17.45 -4.63 27.09
CA GLU D 198 -16.04 -4.33 27.39
C GLU D 198 -14.96 -5.05 26.59
N LYS D 199 -14.18 -4.28 25.84
CA LYS D 199 -13.22 -4.82 24.88
C LYS D 199 -11.86 -5.04 25.53
N TYR D 200 -10.88 -4.22 25.12
CA TYR D 200 -9.51 -4.28 25.65
C TYR D 200 -9.01 -2.85 25.89
N ASP D 201 -9.95 -1.92 26.03
CA ASP D 201 -9.63 -0.51 26.22
C ASP D 201 -8.71 -0.29 27.41
N LYS D 202 -9.10 -0.83 28.56
CA LYS D 202 -8.34 -0.71 29.79
C LYS D 202 -7.01 -1.44 29.65
N SER D 203 -7.02 -2.45 28.79
CA SER D 203 -5.89 -3.36 28.64
C SER D 203 -4.60 -2.65 28.26
N CYS D 204 -4.71 -1.41 27.80
CA CYS D 204 -3.56 -0.65 27.34
C CYS D 204 -3.05 0.33 28.40
N ASP D 205 -3.92 0.72 29.33
CA ASP D 205 -3.48 1.37 30.56
C ASP D 205 -2.44 0.52 31.26
N MET D 206 -2.66 -0.78 31.31
CA MET D 206 -1.70 -1.69 31.94
C MET D 206 -0.38 -1.73 31.16
N TRP D 207 -0.47 -1.53 29.85
CA TRP D 207 0.72 -1.50 29.02
C TRP D 207 1.51 -0.23 29.32
N SER D 208 0.87 0.93 29.16
CA SER D 208 1.55 2.18 29.44
C SER D 208 2.21 2.06 30.80
N LEU D 209 1.54 1.37 31.71
CA LEU D 209 1.96 1.28 33.11
C LEU D 209 3.27 0.48 33.24
N GLY D 210 3.45 -0.52 32.39
CA GLY D 210 4.71 -1.24 32.39
C GLY D 210 5.82 -0.42 31.76
N VAL D 211 5.46 0.44 30.80
CA VAL D 211 6.43 1.33 30.16
C VAL D 211 6.89 2.41 31.12
N ILE D 212 5.97 2.91 31.95
CA ILE D 212 6.30 3.77 33.09
C ILE D 212 7.33 3.11 34.03
N MET D 213 6.94 1.98 34.61
CA MET D 213 7.78 1.22 35.54
C MET D 213 9.19 0.97 34.98
N TYR D 214 9.26 0.53 33.72
CA TYR D 214 10.54 0.34 33.05
C TYR D 214 11.37 1.62 33.03
N ILE D 215 10.85 2.67 32.41
CA ILE D 215 11.57 3.93 32.32
C ILE D 215 11.78 4.56 33.68
N LEU D 216 11.35 3.88 34.74
CA LEU D 216 11.48 4.41 36.08
C LEU D 216 12.56 3.65 36.83
N LEU D 217 13.27 2.79 36.13
CA LEU D 217 14.31 2.01 36.78
C LEU D 217 15.60 2.06 36.00
N CYS D 218 15.66 2.94 35.01
CA CYS D 218 16.90 3.05 34.25
C CYS D 218 16.96 4.30 33.40
N GLY D 219 15.88 5.06 33.37
CA GLY D 219 15.92 6.31 32.63
C GLY D 219 15.79 6.11 31.12
N TYR D 220 15.68 4.86 30.67
CA TYR D 220 15.36 4.61 29.26
C TYR D 220 14.14 3.71 29.06
N PRO D 221 13.40 3.93 27.96
CA PRO D 221 12.17 3.20 27.63
C PRO D 221 12.54 1.85 27.07
N PRO D 222 11.64 0.86 27.18
CA PRO D 222 11.96 -0.51 26.75
C PRO D 222 12.09 -0.60 25.24
N PHE D 223 11.43 0.31 24.52
CA PHE D 223 11.51 0.39 23.06
C PHE D 223 11.87 1.81 22.69
N TYR D 224 12.66 1.99 21.63
CA TYR D 224 12.86 3.31 21.02
C TYR D 224 13.19 3.22 19.53
N SER D 225 13.23 4.37 18.87
CA SER D 225 13.43 4.48 17.43
C SER D 225 14.80 3.93 17.03
N ASN D 226 14.82 3.11 15.98
CA ASN D 226 16.06 2.47 15.54
C ASN D 226 15.84 1.49 14.40
N HIS D 227 16.35 1.84 13.23
CA HIS D 227 16.45 0.88 12.14
C HIS D 227 17.92 0.50 11.93
N GLY D 228 18.62 0.30 13.05
CA GLY D 228 20.05 -0.02 13.00
C GLY D 228 20.41 -1.30 13.73
N LEU D 229 19.44 -2.21 13.85
CA LEU D 229 19.66 -3.53 14.41
C LEU D 229 19.73 -4.56 13.27
N ALA D 230 19.88 -5.84 13.62
CA ALA D 230 19.95 -6.90 12.61
C ALA D 230 18.55 -7.39 12.19
N ILE D 231 17.82 -8.02 13.10
CA ILE D 231 16.38 -8.28 12.89
C ILE D 231 15.58 -7.32 13.79
N SER D 232 14.40 -6.96 13.34
CA SER D 232 13.55 -6.04 14.09
C SER D 232 14.14 -4.62 14.15
N PRO D 233 14.20 -3.93 12.99
CA PRO D 233 14.55 -2.50 12.92
C PRO D 233 13.41 -1.62 13.46
N GLY D 234 12.28 -1.63 12.76
CA GLY D 234 11.16 -0.82 13.23
C GLY D 234 11.04 -0.82 14.74
N MET D 235 11.21 0.34 15.36
CA MET D 235 10.80 0.50 16.74
C MET D 235 9.41 -0.06 16.83
N LYS D 236 8.67 0.09 15.73
CA LYS D 236 7.32 -0.43 15.60
C LYS D 236 7.31 -1.97 15.50
N THR D 237 8.33 -2.53 14.86
CA THR D 237 8.52 -3.97 14.85
C THR D 237 8.84 -4.51 16.25
N ARG D 238 9.65 -3.79 17.01
CA ARG D 238 10.05 -4.25 18.34
C ARG D 238 8.91 -4.17 19.36
N ILE D 239 7.91 -3.35 19.05
CA ILE D 239 6.71 -3.22 19.86
C ILE D 239 5.66 -4.31 19.55
N ARG D 240 5.40 -4.53 18.27
CA ARG D 240 4.52 -5.63 17.84
C ARG D 240 5.15 -6.96 18.20
N MET D 241 6.47 -7.05 18.02
CA MET D 241 7.20 -8.31 18.23
C MET D 241 7.48 -8.48 19.71
N GLY D 242 7.41 -7.37 20.43
CA GLY D 242 7.54 -7.42 21.87
C GLY D 242 8.83 -8.09 22.26
N GLN D 243 9.93 -7.57 21.72
CA GLN D 243 11.24 -8.02 22.13
C GLN D 243 12.09 -6.83 22.53
N TYR D 244 12.79 -7.01 23.64
CA TYR D 244 13.50 -5.96 24.33
C TYR D 244 14.13 -6.70 25.51
N GLU D 245 15.24 -6.18 26.01
CA GLU D 245 15.92 -6.81 27.13
C GLU D 245 15.99 -5.84 28.30
N PHE D 246 16.32 -6.38 29.47
CA PHE D 246 16.59 -5.57 30.64
C PHE D 246 18.11 -5.54 30.78
N PRO D 247 18.78 -4.66 30.01
CA PRO D 247 20.23 -4.73 29.85
C PRO D 247 20.99 -4.31 31.12
N ASN D 248 22.31 -4.54 31.11
CA ASN D 248 23.21 -4.06 32.17
C ASN D 248 23.75 -2.68 31.81
N PRO D 249 24.32 -1.96 32.79
CA PRO D 249 24.40 -2.34 34.20
C PRO D 249 23.07 -2.15 34.88
N GLU D 250 22.35 -1.12 34.44
CA GLU D 250 21.15 -0.68 35.13
C GLU D 250 20.47 -1.82 35.89
N TRP D 251 20.06 -2.85 35.15
CA TRP D 251 19.18 -3.87 35.70
C TRP D 251 19.90 -4.99 36.45
N SER D 252 21.23 -4.92 36.46
CA SER D 252 22.07 -5.92 37.12
C SER D 252 21.57 -6.16 38.52
N GLU D 253 21.34 -5.08 39.25
CA GLU D 253 20.82 -5.16 40.61
C GLU D 253 19.36 -4.75 40.68
N VAL D 254 18.52 -5.46 39.94
CA VAL D 254 17.08 -5.21 39.96
C VAL D 254 16.28 -6.52 40.01
N SER D 255 15.55 -6.72 41.10
CA SER D 255 14.95 -8.02 41.42
C SER D 255 14.26 -8.66 40.23
N GLU D 256 14.44 -9.97 40.08
CA GLU D 256 13.78 -10.69 38.99
C GLU D 256 12.27 -10.79 39.22
N GLU D 257 11.80 -10.03 40.20
CA GLU D 257 10.37 -10.00 40.55
C GLU D 257 9.70 -8.80 39.89
N VAL D 258 10.41 -7.68 39.90
CA VAL D 258 10.03 -6.54 39.08
C VAL D 258 10.16 -6.95 37.61
N LYS D 259 11.25 -7.63 37.30
CA LYS D 259 11.47 -8.07 35.93
C LYS D 259 10.26 -8.87 35.49
N MET D 260 9.91 -9.89 36.25
CA MET D 260 8.72 -10.68 35.99
C MET D 260 7.48 -9.83 35.82
N LEU D 261 7.31 -8.83 36.69
CA LEU D 261 6.12 -7.98 36.70
C LEU D 261 6.05 -7.09 35.46
N ILE D 262 7.20 -6.59 35.00
CA ILE D 262 7.24 -5.76 33.80
C ILE D 262 6.97 -6.60 32.56
N ARG D 263 7.01 -7.92 32.71
CA ARG D 263 6.70 -8.81 31.61
C ARG D 263 5.20 -9.00 31.47
N ASN D 264 4.50 -9.08 32.60
CA ASN D 264 3.08 -9.37 32.58
C ASN D 264 2.31 -8.09 32.36
N LEU D 265 3.00 -7.05 31.90
CA LEU D 265 2.38 -5.78 31.57
C LEU D 265 2.74 -5.36 30.15
N LEU D 266 3.91 -5.78 29.70
CA LEU D 266 4.35 -5.45 28.37
C LEU D 266 4.08 -6.63 27.43
N LYS D 267 3.08 -7.43 27.75
CA LYS D 267 2.79 -8.58 26.92
C LYS D 267 2.18 -8.09 25.63
N THR D 268 2.53 -8.75 24.52
CA THR D 268 2.07 -8.32 23.20
C THR D 268 0.57 -8.50 23.07
N GLU D 269 0.09 -9.72 23.33
CA GLU D 269 -1.34 -10.03 23.30
C GLU D 269 -2.04 -9.40 24.49
N PRO D 270 -3.01 -8.52 24.25
CA PRO D 270 -3.61 -7.73 25.34
C PRO D 270 -4.30 -8.59 26.41
N THR D 271 -4.77 -9.77 26.02
CA THR D 271 -5.45 -10.64 26.97
C THR D 271 -4.50 -11.46 27.86
N GLN D 272 -3.21 -11.49 27.53
CA GLN D 272 -2.24 -12.12 28.42
C GLN D 272 -1.83 -11.12 29.51
N ARG D 273 -2.29 -9.88 29.36
CA ARG D 273 -1.72 -8.78 30.13
C ARG D 273 -2.36 -8.63 31.50
N MET D 274 -1.60 -8.94 32.55
CA MET D 274 -2.03 -8.71 33.94
C MET D 274 -2.99 -7.52 34.09
N THR D 275 -4.03 -7.70 34.91
CA THR D 275 -5.07 -6.68 35.10
C THR D 275 -4.64 -5.64 36.15
N ILE D 276 -5.40 -4.56 36.32
CA ILE D 276 -4.99 -3.53 37.28
C ILE D 276 -5.16 -4.01 38.71
N THR D 277 -6.20 -4.80 38.96
CA THR D 277 -6.40 -5.36 40.29
C THR D 277 -5.24 -6.27 40.61
N GLU D 278 -4.95 -7.20 39.70
CA GLU D 278 -3.80 -8.09 39.83
C GLU D 278 -2.49 -7.31 40.04
N PHE D 279 -2.38 -6.17 39.37
CA PHE D 279 -1.18 -5.31 39.45
C PHE D 279 -1.02 -4.81 40.87
N MET D 280 -2.15 -4.50 41.50
CA MET D 280 -2.20 -3.86 42.80
C MET D 280 -2.07 -4.86 43.94
N ASN D 281 -2.33 -6.13 43.66
CA ASN D 281 -2.17 -7.17 44.66
C ASN D 281 -0.84 -7.88 44.46
N HIS D 282 -0.14 -7.57 43.38
CA HIS D 282 1.19 -8.10 43.22
C HIS D 282 2.05 -7.58 44.36
N PRO D 283 2.84 -8.47 44.99
CA PRO D 283 3.66 -8.13 46.15
C PRO D 283 4.52 -6.87 45.98
N TRP D 284 5.25 -6.76 44.87
CA TRP D 284 6.16 -5.63 44.71
C TRP D 284 5.43 -4.30 44.84
N ILE D 285 4.24 -4.18 44.25
CA ILE D 285 3.49 -2.93 44.34
C ILE D 285 2.73 -2.95 45.65
N MET D 286 2.31 -4.15 46.03
CA MET D 286 1.47 -4.38 47.20
C MET D 286 2.20 -4.05 48.50
N GLN D 287 3.22 -4.85 48.84
CA GLN D 287 4.11 -4.53 49.97
C GLN D 287 5.07 -3.43 49.59
N SER D 288 4.52 -2.26 49.24
CA SER D 288 5.33 -1.16 48.74
C SER D 288 6.49 -0.91 49.69
N THR D 289 6.18 -0.64 50.95
CA THR D 289 7.20 -0.36 51.96
C THR D 289 7.75 -1.66 52.54
N LYS D 290 8.38 -2.47 51.67
CA LYS D 290 8.92 -3.77 52.06
C LYS D 290 9.85 -4.29 50.96
N VAL D 291 10.16 -3.43 49.99
CA VAL D 291 11.03 -3.81 48.86
C VAL D 291 12.44 -3.22 49.00
N PRO D 292 13.46 -4.00 48.65
CA PRO D 292 14.87 -3.67 48.90
C PRO D 292 15.37 -2.45 48.12
N GLN D 293 15.58 -1.35 48.84
CA GLN D 293 15.90 -0.04 48.24
C GLN D 293 17.29 0.09 47.63
N THR D 294 17.66 -0.86 46.77
CA THR D 294 18.91 -0.78 46.05
C THR D 294 18.84 0.40 45.08
N PRO D 295 19.88 1.25 45.07
CA PRO D 295 19.85 2.44 44.21
C PRO D 295 19.62 2.12 42.74
N LEU D 296 18.99 3.06 42.00
CA LEU D 296 18.86 2.95 40.54
C LEU D 296 19.52 4.07 39.74
N HIS D 297 19.88 3.75 38.48
CA HIS D 297 20.65 4.65 37.60
C HIS D 297 19.82 5.83 37.17
N THR D 298 18.52 5.56 36.96
CA THR D 298 17.54 6.53 36.48
C THR D 298 18.19 7.89 36.30
N SER D 299 18.23 8.67 37.38
CA SER D 299 18.73 10.05 37.36
C SER D 299 19.99 10.27 36.51
N ARG D 300 21.00 9.46 36.74
CA ARG D 300 22.24 9.52 35.95
C ARG D 300 21.93 9.51 34.45
N VAL D 301 21.20 8.48 34.00
CA VAL D 301 20.81 8.31 32.60
C VAL D 301 19.70 9.28 32.23
N LEU D 302 18.64 9.23 33.04
CA LEU D 302 17.54 10.19 32.96
C LEU D 302 18.03 11.54 33.45
#